data_1TUU
#
_entry.id   1TUU
#
_cell.length_a   179.083
_cell.length_b   66.111
_cell.length_c   81.666
_cell.angle_alpha   90.00
_cell.angle_beta   103.31
_cell.angle_gamma   90.00
#
_symmetry.space_group_name_H-M   'C 1 2 1'
#
loop_
_entity.id
_entity.type
_entity.pdbx_description
1 polymer 'Acetate kinase'
2 non-polymer 'SULFATE ION'
3 non-polymer "ADENOSINE-5'-DIPHOSPHATE"
4 non-polymer 'AMMONIUM ION'
5 non-polymer 'ADENOSINE MONOPHOSPHATE'
6 non-polymer 'TRIHYDROGEN THIODIPHOSPHATE'
7 water water
#
_entity_poly.entity_id   1
_entity_poly.type   'polypeptide(L)'
_entity_poly.pdbx_seq_one_letter_code
;MKVLVINAGSSSLKYQLIDMTNESALAVGLCERIGIDNSIITQKKFDGKKLEKLTDLPTHKDALEEVVKALTDDEFGVIK
DMGEINAVGHRVVHGGEKFTTSALYDEGVEKAIKDCFELAPLHNPPNMMGISACAEIMPGTPMVIVFDTAFHQTMPPYAY
MYALPYDLYEKHGVRKYGFHGTSHKYVAERAALMLGKPAEETKIITCHLGNGSSITAVEGGKSVETSMGFTPLEGLAMGT
RCGSIDPAIVPFLMEKEGLTTREIDTLMNKKSGVLGVSGLSNDFRDLDEAASKGNRKAELALEIFAYKVKKFIGEYSAVL
NGADAVVFTAGIGENSASIRKRILTGLDGIGIKIDDEKNKIRGQEIDISTPDAKVRVFVIPTNEELAIARETKEIVETE
;
_entity_poly.pdbx_strand_id   A,B
#
# COMPACT_ATOMS: atom_id res chain seq x y z
N MET A 1 -35.09 -20.53 20.06
CA MET A 1 -33.76 -21.18 19.90
C MET A 1 -32.66 -20.35 20.56
N LYS A 2 -31.65 -21.04 21.06
CA LYS A 2 -30.53 -20.38 21.72
C LYS A 2 -29.24 -20.80 21.04
N VAL A 3 -28.40 -19.82 20.76
CA VAL A 3 -27.15 -20.05 20.07
C VAL A 3 -25.91 -19.53 20.79
N LEU A 4 -24.93 -20.41 20.99
CA LEU A 4 -23.66 -20.05 21.61
C LEU A 4 -22.68 -19.71 20.48
N VAL A 5 -22.26 -18.45 20.41
CA VAL A 5 -21.31 -18.03 19.38
C VAL A 5 -19.92 -18.13 19.99
N ILE A 6 -19.00 -18.71 19.24
CA ILE A 6 -17.63 -18.91 19.72
C ILE A 6 -16.60 -18.19 18.87
N ASN A 7 -15.65 -17.57 19.56
CA ASN A 7 -14.56 -16.85 18.94
C ASN A 7 -13.30 -17.30 19.65
N ALA A 8 -12.51 -18.16 19.00
CA ALA A 8 -11.30 -18.68 19.63
C ALA A 8 -10.00 -18.02 19.15
N GLY A 9 -9.04 -17.94 20.05
CA GLY A 9 -7.74 -17.38 19.72
C GLY A 9 -6.75 -18.39 20.27
N SER A 10 -5.46 -18.15 20.03
CA SER A 10 -4.42 -19.05 20.51
C SER A 10 -4.54 -19.44 21.98
N SER A 11 -4.88 -18.48 22.84
CA SER A 11 -5.05 -18.76 24.27
C SER A 11 -6.26 -18.04 24.89
N SER A 12 -7.23 -17.67 24.06
CA SER A 12 -8.42 -16.98 24.55
C SER A 12 -9.66 -17.57 23.89
N LEU A 13 -10.82 -17.32 24.48
CA LEU A 13 -12.03 -17.85 23.89
C LEU A 13 -13.24 -17.00 24.24
N LYS A 14 -13.67 -16.16 23.29
CA LYS A 14 -14.83 -15.29 23.49
C LYS A 14 -16.10 -16.05 23.13
N TYR A 15 -17.02 -16.15 24.09
CA TYR A 15 -18.28 -16.85 23.82
C TYR A 15 -19.46 -15.93 24.07
N GLN A 16 -20.65 -16.36 23.67
CA GLN A 16 -21.83 -15.54 23.84
C GLN A 16 -23.09 -16.35 23.51
N LEU A 17 -24.00 -16.45 24.48
CA LEU A 17 -25.25 -17.18 24.29
C LEU A 17 -26.35 -16.18 23.95
N ILE A 18 -26.96 -16.35 22.79
CA ILE A 18 -28.00 -15.46 22.35
C ILE A 18 -29.33 -16.17 22.18
N ASP A 19 -30.40 -15.56 22.70
CA ASP A 19 -31.74 -16.11 22.60
C ASP A 19 -32.34 -15.59 21.30
N MET A 20 -32.34 -16.42 20.28
CA MET A 20 -32.85 -16.01 18.98
C MET A 20 -34.32 -15.61 18.92
N THR A 21 -35.08 -15.94 19.96
CA THR A 21 -36.50 -15.57 19.99
C THR A 21 -36.63 -14.05 19.88
N ASN A 22 -35.94 -13.34 20.78
CA ASN A 22 -35.96 -11.89 20.80
C ASN A 22 -34.55 -11.35 20.61
N GLU A 23 -33.67 -12.16 20.02
CA GLU A 23 -32.28 -11.80 19.76
C GLU A 23 -31.58 -11.10 20.94
N SER A 24 -31.86 -11.58 22.15
CA SER A 24 -31.26 -11.00 23.34
C SER A 24 -30.00 -11.76 23.75
N ALA A 25 -28.94 -11.02 24.08
CA ALA A 25 -27.69 -11.64 24.51
C ALA A 25 -27.80 -11.98 25.98
N LEU A 26 -28.18 -13.22 26.29
CA LEU A 26 -28.33 -13.66 27.67
C LEU A 26 -27.06 -13.51 28.47
N ALA A 27 -25.93 -13.87 27.87
CA ALA A 27 -24.66 -13.80 28.56
C ALA A 27 -23.49 -13.64 27.61
N VAL A 28 -22.47 -12.95 28.10
CA VAL A 28 -21.27 -12.68 27.34
C VAL A 28 -20.06 -12.93 28.23
N GLY A 29 -19.17 -13.80 27.78
CA GLY A 29 -18.01 -14.12 28.58
C GLY A 29 -16.72 -14.14 27.78
N LEU A 30 -15.64 -14.51 28.46
CA LEU A 30 -14.33 -14.58 27.84
C LEU A 30 -13.43 -15.47 28.68
N CYS A 31 -12.59 -16.24 28.00
CA CYS A 31 -11.65 -17.11 28.67
C CYS A 31 -10.28 -16.61 28.24
N GLU A 32 -9.38 -16.33 29.19
CA GLU A 32 -8.05 -15.85 28.83
C GLU A 32 -6.94 -16.71 29.37
N ARG A 33 -5.74 -16.47 28.85
CA ARG A 33 -4.56 -17.21 29.29
C ARG A 33 -4.80 -18.72 29.28
N ILE A 34 -5.32 -19.23 28.17
CA ILE A 34 -5.56 -20.67 28.04
C ILE A 34 -4.21 -21.28 27.65
N GLY A 35 -3.61 -22.03 28.56
CA GLY A 35 -2.32 -22.65 28.26
C GLY A 35 -1.18 -22.01 29.03
N ILE A 36 -1.47 -20.87 29.65
CA ILE A 36 -0.48 -20.15 30.43
C ILE A 36 -0.82 -20.39 31.90
N ASP A 37 -0.21 -19.59 32.77
CA ASP A 37 -0.44 -19.67 34.21
C ASP A 37 -1.56 -18.69 34.53
N ASN A 38 -2.24 -18.90 35.65
CA ASN A 38 -3.32 -18.00 36.07
C ASN A 38 -4.48 -17.94 35.06
N SER A 39 -4.87 -19.09 34.51
CA SER A 39 -5.98 -19.13 33.55
C SER A 39 -7.21 -18.52 34.22
N ILE A 40 -8.08 -17.93 33.42
CA ILE A 40 -9.27 -17.28 33.97
C ILE A 40 -10.41 -17.13 32.97
N ILE A 41 -11.64 -17.11 33.50
CA ILE A 41 -12.85 -16.95 32.70
C ILE A 41 -13.79 -15.95 33.37
N THR A 42 -14.18 -14.94 32.61
CA THR A 42 -15.11 -13.93 33.13
C THR A 42 -16.40 -13.99 32.35
N GLN A 43 -17.52 -13.71 33.01
CA GLN A 43 -18.82 -13.73 32.35
C GLN A 43 -19.68 -12.61 32.86
N LYS A 44 -20.50 -12.07 31.97
CA LYS A 44 -21.38 -10.98 32.33
C LYS A 44 -22.79 -11.35 31.89
N LYS A 45 -23.71 -11.35 32.85
CA LYS A 45 -25.12 -11.67 32.62
C LYS A 45 -25.83 -10.41 32.13
N PHE A 46 -26.98 -10.57 31.50
CA PHE A 46 -27.72 -9.44 30.97
C PHE A 46 -28.12 -8.44 32.06
N ASP A 47 -28.29 -8.94 33.28
CA ASP A 47 -28.66 -8.11 34.42
C ASP A 47 -27.44 -7.45 35.06
N GLY A 48 -26.28 -7.63 34.44
CA GLY A 48 -25.08 -7.03 34.99
C GLY A 48 -24.24 -7.95 35.86
N LYS A 49 -24.87 -8.88 36.55
CA LYS A 49 -24.11 -9.79 37.42
C LYS A 49 -22.89 -10.34 36.68
N LYS A 50 -21.72 -10.25 37.30
CA LYS A 50 -20.48 -10.72 36.69
C LYS A 50 -19.89 -11.88 37.49
N LEU A 51 -19.29 -12.82 36.76
CA LEU A 51 -18.66 -13.98 37.37
C LEU A 51 -17.20 -14.03 36.95
N GLU A 52 -16.38 -14.63 37.78
CA GLU A 52 -14.96 -14.77 37.46
C GLU A 52 -14.50 -16.02 38.17
N LYS A 53 -13.76 -16.87 37.45
CA LYS A 53 -13.29 -18.11 38.04
C LYS A 53 -11.82 -18.33 37.74
N LEU A 54 -11.00 -18.30 38.79
CA LEU A 54 -9.58 -18.55 38.59
C LEU A 54 -9.41 -20.05 38.62
N THR A 55 -9.20 -20.64 37.45
CA THR A 55 -9.00 -22.07 37.37
C THR A 55 -8.15 -22.36 36.15
N ASP A 56 -7.12 -23.17 36.33
CA ASP A 56 -6.21 -23.53 35.24
C ASP A 56 -6.94 -24.06 34.00
N LEU A 57 -6.73 -23.41 32.86
CA LEU A 57 -7.35 -23.83 31.58
C LEU A 57 -6.24 -24.27 30.60
N PRO A 58 -5.81 -25.55 30.68
CA PRO A 58 -4.77 -26.09 29.82
C PRO A 58 -5.09 -26.01 28.32
N THR A 59 -6.26 -26.53 27.94
CA THR A 59 -6.67 -26.51 26.53
C THR A 59 -7.97 -25.73 26.32
N HIS A 60 -8.37 -25.57 25.06
CA HIS A 60 -9.60 -24.88 24.73
C HIS A 60 -10.77 -25.75 25.17
N LYS A 61 -10.50 -27.04 25.37
CA LYS A 61 -11.52 -28.00 25.81
C LYS A 61 -11.94 -27.73 27.25
N ASP A 62 -10.96 -27.57 28.12
CA ASP A 62 -11.24 -27.33 29.53
C ASP A 62 -12.00 -26.02 29.69
N ALA A 63 -11.61 -25.03 28.92
CA ALA A 63 -12.25 -23.72 28.97
C ALA A 63 -13.70 -23.82 28.53
N LEU A 64 -13.96 -24.65 27.52
CA LEU A 64 -15.34 -24.78 27.03
C LEU A 64 -16.22 -25.49 28.05
N GLU A 65 -15.60 -26.22 28.97
CA GLU A 65 -16.37 -26.89 29.98
C GLU A 65 -16.70 -25.86 31.06
N GLU A 66 -15.73 -25.00 31.36
CA GLU A 66 -15.93 -23.95 32.34
C GLU A 66 -16.98 -22.97 31.80
N VAL A 67 -17.00 -22.82 30.48
CA VAL A 67 -17.96 -21.95 29.81
C VAL A 67 -19.38 -22.45 30.09
N VAL A 68 -19.58 -23.76 29.89
CA VAL A 68 -20.89 -24.39 30.12
C VAL A 68 -21.20 -24.31 31.62
N LYS A 69 -20.16 -24.38 32.44
CA LYS A 69 -20.40 -24.28 33.87
C LYS A 69 -20.81 -22.85 34.24
N ALA A 70 -20.25 -21.84 33.58
CA ALA A 70 -20.61 -20.46 33.89
C ALA A 70 -22.01 -20.12 33.39
N LEU A 71 -22.34 -20.64 32.22
CA LEU A 71 -23.64 -20.44 31.61
C LEU A 71 -24.76 -21.08 32.45
N THR A 72 -24.44 -22.18 33.13
CA THR A 72 -25.44 -22.86 33.95
C THR A 72 -25.32 -22.58 35.43
N ASP A 73 -24.61 -21.51 35.77
CA ASP A 73 -24.43 -21.10 37.16
C ASP A 73 -25.83 -20.79 37.68
N ASP A 74 -26.16 -21.35 38.84
CA ASP A 74 -27.48 -21.19 39.42
C ASP A 74 -27.99 -19.75 39.54
N GLU A 75 -27.09 -18.82 39.83
CA GLU A 75 -27.50 -17.44 39.97
C GLU A 75 -26.91 -16.51 38.92
N PHE A 76 -25.66 -16.73 38.52
CA PHE A 76 -25.04 -15.86 37.54
C PHE A 76 -25.12 -16.42 36.12
N GLY A 77 -25.72 -17.59 36.00
CA GLY A 77 -25.88 -18.22 34.71
C GLY A 77 -27.16 -17.75 34.06
N VAL A 78 -27.45 -18.28 32.87
CA VAL A 78 -28.66 -17.91 32.17
C VAL A 78 -29.46 -19.13 31.72
N ILE A 79 -28.91 -20.32 31.99
CA ILE A 79 -29.57 -21.57 31.63
C ILE A 79 -29.41 -22.61 32.72
N LYS A 80 -30.18 -23.70 32.60
CA LYS A 80 -30.16 -24.80 33.57
C LYS A 80 -29.18 -25.90 33.17
N ASP A 81 -29.29 -26.40 31.95
CA ASP A 81 -28.39 -27.46 31.49
C ASP A 81 -27.82 -27.20 30.10
N MET A 82 -26.73 -27.89 29.79
CA MET A 82 -26.06 -27.74 28.52
C MET A 82 -27.02 -27.93 27.36
N GLY A 83 -28.00 -28.80 27.55
CA GLY A 83 -28.98 -29.07 26.52
C GLY A 83 -29.73 -27.83 26.05
N GLU A 84 -29.81 -26.80 26.87
CA GLU A 84 -30.50 -25.59 26.47
C GLU A 84 -29.75 -24.85 25.37
N ILE A 85 -28.54 -25.32 25.05
CA ILE A 85 -27.75 -24.69 24.00
C ILE A 85 -28.05 -25.46 22.73
N ASN A 86 -29.00 -24.93 21.96
CA ASN A 86 -29.49 -25.53 20.72
C ASN A 86 -28.52 -25.63 19.56
N ALA A 87 -27.59 -24.69 19.45
CA ALA A 87 -26.62 -24.70 18.36
C ALA A 87 -25.41 -23.86 18.77
N VAL A 88 -24.33 -23.94 17.99
CA VAL A 88 -23.09 -23.23 18.27
C VAL A 88 -22.54 -22.62 16.98
N GLY A 89 -22.37 -21.31 16.95
CA GLY A 89 -21.84 -20.67 15.76
C GLY A 89 -20.35 -20.49 15.95
N HIS A 90 -19.58 -20.65 14.89
CA HIS A 90 -18.13 -20.52 15.01
C HIS A 90 -17.55 -19.53 14.04
N ARG A 91 -16.58 -18.76 14.51
CA ARG A 91 -15.92 -17.82 13.66
C ARG A 91 -14.73 -18.50 13.01
N VAL A 92 -14.65 -18.42 11.70
CA VAL A 92 -13.51 -18.99 11.01
C VAL A 92 -13.04 -17.95 10.00
N VAL A 93 -11.77 -17.57 10.10
CA VAL A 93 -11.20 -16.57 9.24
C VAL A 93 -11.13 -16.96 7.77
N HIS A 94 -10.41 -18.04 7.47
CA HIS A 94 -10.25 -18.43 6.07
C HIS A 94 -10.89 -19.77 5.76
N GLY A 95 -11.77 -19.80 4.77
CA GLY A 95 -12.39 -21.05 4.39
C GLY A 95 -11.76 -21.54 3.10
N GLY A 96 -10.99 -20.67 2.46
CA GLY A 96 -10.34 -21.03 1.23
C GLY A 96 -11.19 -20.65 0.03
N GLU A 97 -10.82 -21.16 -1.13
CA GLU A 97 -11.52 -20.90 -2.38
C GLU A 97 -12.89 -21.57 -2.40
N LYS A 98 -12.92 -22.80 -1.90
CA LYS A 98 -14.10 -23.68 -1.85
C LYS A 98 -15.21 -23.30 -0.86
N PHE A 99 -14.83 -22.85 0.33
CA PHE A 99 -15.81 -22.47 1.34
C PHE A 99 -15.80 -20.99 1.65
N THR A 100 -16.82 -20.29 1.15
CA THR A 100 -16.94 -18.86 1.36
C THR A 100 -18.36 -18.45 1.77
N THR A 101 -19.12 -19.38 2.34
CA THR A 101 -20.48 -19.10 2.81
C THR A 101 -20.80 -19.98 4.00
N SER A 102 -21.38 -19.39 5.04
CA SER A 102 -21.72 -20.14 6.25
C SER A 102 -22.15 -21.56 5.90
N ALA A 103 -21.75 -22.53 6.71
CA ALA A 103 -22.14 -23.91 6.40
C ALA A 103 -22.14 -24.84 7.61
N LEU A 104 -23.10 -25.75 7.62
CA LEU A 104 -23.23 -26.71 8.69
C LEU A 104 -21.91 -27.49 8.72
N TYR A 105 -21.37 -27.71 9.91
CA TYR A 105 -20.10 -28.39 10.06
C TYR A 105 -20.13 -29.87 9.64
N ASP A 106 -19.11 -30.30 8.92
CA ASP A 106 -18.99 -31.71 8.49
C ASP A 106 -17.53 -31.98 8.18
N GLU A 107 -17.19 -33.26 8.06
CA GLU A 107 -15.81 -33.66 7.77
C GLU A 107 -15.21 -32.84 6.62
N GLY A 108 -16.03 -32.52 5.62
CA GLY A 108 -15.52 -31.75 4.48
C GLY A 108 -15.08 -30.35 4.82
N VAL A 109 -15.87 -29.69 5.66
CA VAL A 109 -15.58 -28.33 6.08
C VAL A 109 -14.33 -28.30 6.95
N GLU A 110 -14.18 -29.34 7.75
CA GLU A 110 -13.04 -29.47 8.64
C GLU A 110 -11.77 -29.61 7.82
N LYS A 111 -11.92 -30.21 6.65
CA LYS A 111 -10.79 -30.43 5.77
C LYS A 111 -10.29 -29.10 5.19
N ALA A 112 -11.23 -28.29 4.71
CA ALA A 112 -10.90 -27.00 4.12
C ALA A 112 -10.23 -26.04 5.13
N ILE A 113 -10.67 -26.08 6.38
CA ILE A 113 -10.10 -25.23 7.42
C ILE A 113 -8.65 -25.53 7.69
N LYS A 114 -8.35 -26.80 7.94
CA LYS A 114 -6.98 -27.21 8.20
C LYS A 114 -6.10 -26.88 6.99
N ASP A 115 -6.60 -27.23 5.80
CA ASP A 115 -5.87 -26.95 4.56
C ASP A 115 -5.48 -25.48 4.42
N CYS A 116 -6.30 -24.60 5.00
CA CYS A 116 -6.04 -23.17 4.93
C CYS A 116 -5.23 -22.60 6.10
N PHE A 117 -4.74 -23.47 6.98
CA PHE A 117 -3.94 -23.07 8.13
C PHE A 117 -2.81 -22.13 7.68
N GLU A 118 -2.23 -22.44 6.52
CA GLU A 118 -1.14 -21.64 6.00
C GLU A 118 -1.63 -20.29 5.49
N LEU A 119 -2.92 -20.20 5.15
CA LEU A 119 -3.47 -18.94 4.67
C LEU A 119 -3.89 -17.99 5.79
N ALA A 120 -3.97 -18.49 7.01
CA ALA A 120 -4.36 -17.67 8.15
C ALA A 120 -3.73 -18.26 9.41
N PRO A 121 -2.39 -18.38 9.42
CA PRO A 121 -1.63 -18.94 10.53
C PRO A 121 -2.00 -18.50 11.94
N LEU A 122 -2.43 -17.24 12.08
CA LEU A 122 -2.79 -16.72 13.40
C LEU A 122 -4.22 -17.01 13.82
N HIS A 123 -5.09 -17.38 12.88
CA HIS A 123 -6.47 -17.57 13.24
C HIS A 123 -7.11 -18.95 13.09
N ASN A 124 -7.00 -19.53 11.90
CA ASN A 124 -7.58 -20.83 11.62
C ASN A 124 -7.17 -21.91 12.59
N PRO A 125 -5.87 -22.05 12.87
CA PRO A 125 -5.53 -23.10 13.83
C PRO A 125 -6.32 -22.93 15.13
N PRO A 126 -6.37 -21.70 15.69
CA PRO A 126 -7.12 -21.45 16.94
C PRO A 126 -8.64 -21.63 16.80
N ASN A 127 -9.20 -21.21 15.68
CA ASN A 127 -10.63 -21.35 15.44
C ASN A 127 -10.93 -22.85 15.48
N MET A 128 -10.09 -23.61 14.77
CA MET A 128 -10.23 -25.06 14.70
C MET A 128 -10.21 -25.65 16.11
N MET A 129 -9.34 -25.15 16.98
CA MET A 129 -9.25 -25.64 18.35
C MET A 129 -10.61 -25.46 19.04
N GLY A 130 -11.19 -24.26 18.88
CA GLY A 130 -12.48 -24.00 19.48
C GLY A 130 -13.52 -24.98 18.97
N ILE A 131 -13.45 -25.27 17.68
CA ILE A 131 -14.38 -26.19 17.07
C ILE A 131 -14.21 -27.58 17.65
N SER A 132 -12.97 -27.94 17.96
CA SER A 132 -12.70 -29.24 18.51
C SER A 132 -13.17 -29.30 19.95
N ALA A 133 -12.83 -28.30 20.73
CA ALA A 133 -13.23 -28.26 22.13
C ALA A 133 -14.73 -28.47 22.19
N CYS A 134 -15.40 -27.79 21.27
CA CYS A 134 -16.84 -27.82 21.15
C CYS A 134 -17.37 -29.26 20.94
N ALA A 135 -16.73 -29.98 20.02
CA ALA A 135 -17.10 -31.34 19.69
C ALA A 135 -16.79 -32.30 20.83
N GLU A 136 -15.85 -31.92 21.69
CA GLU A 136 -15.48 -32.79 22.79
C GLU A 136 -16.34 -32.56 24.04
N ILE A 137 -17.04 -31.43 24.07
CA ILE A 137 -17.90 -31.09 25.21
C ILE A 137 -19.39 -31.24 24.90
N MET A 138 -19.82 -30.74 23.74
CA MET A 138 -21.22 -30.83 23.32
C MET A 138 -21.33 -31.45 21.93
N PRO A 139 -21.03 -32.75 21.82
CA PRO A 139 -21.07 -33.52 20.58
C PRO A 139 -22.44 -33.54 19.92
N GLY A 140 -23.48 -33.56 20.75
CA GLY A 140 -24.82 -33.60 20.23
C GLY A 140 -25.36 -32.29 19.68
N THR A 141 -24.68 -31.19 19.97
CA THR A 141 -25.15 -29.88 19.48
C THR A 141 -24.76 -29.58 18.04
N PRO A 142 -25.68 -29.03 17.23
CA PRO A 142 -25.40 -28.70 15.83
C PRO A 142 -24.37 -27.58 15.78
N MET A 143 -23.49 -27.61 14.78
CA MET A 143 -22.48 -26.58 14.66
C MET A 143 -22.50 -25.97 13.27
N VAL A 144 -22.42 -24.65 13.22
CA VAL A 144 -22.39 -23.95 11.94
C VAL A 144 -21.11 -23.14 11.86
N ILE A 145 -20.54 -23.04 10.68
CA ILE A 145 -19.30 -22.27 10.51
C ILE A 145 -19.59 -21.03 9.67
N VAL A 146 -19.07 -19.88 10.09
CA VAL A 146 -19.26 -18.63 9.36
C VAL A 146 -17.87 -18.09 9.06
N PHE A 147 -17.61 -17.85 7.77
CA PHE A 147 -16.30 -17.36 7.30
C PHE A 147 -16.14 -15.85 7.15
N ASP A 148 -14.95 -15.37 7.53
CA ASP A 148 -14.58 -13.95 7.43
C ASP A 148 -14.53 -13.45 5.99
N THR A 149 -14.32 -14.36 5.06
CA THR A 149 -14.20 -14.00 3.65
C THR A 149 -15.53 -13.88 2.90
N ALA A 150 -16.55 -14.52 3.42
CA ALA A 150 -17.88 -14.54 2.80
C ALA A 150 -18.34 -13.23 2.17
N PHE A 151 -18.45 -12.20 3.00
CA PHE A 151 -18.92 -10.88 2.58
C PHE A 151 -18.17 -10.24 1.42
N HIS A 152 -16.89 -10.58 1.26
CA HIS A 152 -16.07 -9.99 0.20
C HIS A 152 -16.13 -10.69 -1.15
N GLN A 153 -16.91 -11.76 -1.24
CA GLN A 153 -17.03 -12.49 -2.49
C GLN A 153 -17.56 -11.72 -3.70
N THR A 154 -18.19 -10.57 -3.49
CA THR A 154 -18.73 -9.78 -4.60
C THR A 154 -17.73 -8.79 -5.18
N MET A 155 -16.45 -8.96 -4.89
CA MET A 155 -15.43 -8.05 -5.42
C MET A 155 -15.21 -8.30 -6.91
N PRO A 156 -14.85 -7.26 -7.67
CA PRO A 156 -14.62 -7.43 -9.10
C PRO A 156 -13.21 -7.97 -9.36
N PRO A 157 -13.00 -8.63 -10.51
CA PRO A 157 -11.67 -9.16 -10.81
C PRO A 157 -10.58 -8.12 -10.75
N TYR A 158 -10.84 -6.94 -11.32
CA TYR A 158 -9.83 -5.89 -11.34
C TYR A 158 -9.45 -5.40 -9.94
N ALA A 159 -10.05 -6.01 -8.94
CA ALA A 159 -9.76 -5.64 -7.56
C ALA A 159 -9.19 -6.84 -6.79
N TYR A 160 -9.77 -8.03 -6.94
CA TYR A 160 -9.24 -9.16 -6.21
C TYR A 160 -8.06 -9.84 -6.87
N MET A 161 -7.80 -9.49 -8.12
CA MET A 161 -6.67 -10.03 -8.86
C MET A 161 -5.42 -9.27 -8.47
N TYR A 162 -4.29 -9.97 -8.43
CA TYR A 162 -3.01 -9.39 -8.09
C TYR A 162 -2.30 -9.25 -9.42
N ALA A 163 -1.37 -8.31 -9.50
CA ALA A 163 -0.65 -8.11 -10.74
C ALA A 163 0.54 -9.07 -10.80
N LEU A 164 0.24 -10.37 -10.73
CA LEU A 164 1.23 -11.45 -10.79
C LEU A 164 0.93 -12.33 -12.01
N PRO A 165 1.82 -13.29 -12.32
CA PRO A 165 1.57 -14.17 -13.47
C PRO A 165 0.20 -14.78 -13.29
N TYR A 166 -0.64 -14.66 -14.31
CA TYR A 166 -2.00 -15.17 -14.27
C TYR A 166 -2.12 -16.63 -13.82
N ASP A 167 -1.19 -17.48 -14.23
CA ASP A 167 -1.29 -18.88 -13.84
C ASP A 167 -1.34 -19.07 -12.32
N LEU A 168 -0.76 -18.14 -11.56
CA LEU A 168 -0.77 -18.22 -10.10
C LEU A 168 -2.19 -18.20 -9.56
N TYR A 169 -3.03 -17.41 -10.19
CA TYR A 169 -4.44 -17.29 -9.82
C TYR A 169 -5.16 -18.62 -10.12
N GLU A 170 -4.76 -19.30 -11.19
CA GLU A 170 -5.36 -20.60 -11.60
C GLU A 170 -4.70 -21.79 -10.92
N LYS A 171 -3.38 -21.77 -10.87
CA LYS A 171 -2.61 -22.85 -10.30
C LYS A 171 -2.67 -22.91 -8.78
N HIS A 172 -2.98 -21.80 -8.13
CA HIS A 172 -3.03 -21.81 -6.68
C HIS A 172 -4.14 -21.00 -6.05
N GLY A 173 -5.08 -20.52 -6.87
CA GLY A 173 -6.18 -19.74 -6.33
C GLY A 173 -5.73 -18.53 -5.54
N VAL A 174 -4.60 -17.97 -5.93
CA VAL A 174 -4.04 -16.78 -5.29
C VAL A 174 -4.77 -15.54 -5.78
N ARG A 175 -5.62 -14.99 -4.93
CA ARG A 175 -6.38 -13.78 -5.21
C ARG A 175 -6.65 -13.14 -3.87
N LYS A 176 -7.25 -11.95 -3.91
CA LYS A 176 -7.56 -11.26 -2.68
C LYS A 176 -8.85 -11.87 -2.13
N TYR A 177 -8.93 -12.00 -0.82
CA TYR A 177 -10.07 -12.58 -0.16
C TYR A 177 -10.75 -11.57 0.75
N GLY A 178 -10.00 -11.13 1.76
CA GLY A 178 -10.53 -10.18 2.70
C GLY A 178 -11.05 -10.91 3.93
N PHE A 179 -11.18 -10.21 5.04
CA PHE A 179 -11.66 -10.82 6.29
C PHE A 179 -12.53 -9.84 7.10
N HIS A 180 -12.86 -10.20 8.34
CA HIS A 180 -13.68 -9.33 9.17
C HIS A 180 -14.99 -9.05 8.43
N GLY A 181 -15.28 -9.84 7.42
CA GLY A 181 -16.47 -9.63 6.62
C GLY A 181 -17.78 -9.53 7.37
N THR A 182 -17.97 -10.47 8.27
CA THR A 182 -19.18 -10.53 9.06
C THR A 182 -19.35 -9.25 9.88
N SER A 183 -18.24 -8.63 10.29
CA SER A 183 -18.28 -7.38 11.04
C SER A 183 -18.52 -6.20 10.09
N HIS A 184 -17.80 -6.15 8.98
CA HIS A 184 -17.94 -5.08 8.01
C HIS A 184 -19.37 -5.01 7.47
N LYS A 185 -20.01 -6.16 7.35
CA LYS A 185 -21.37 -6.21 6.83
C LYS A 185 -22.36 -5.68 7.85
N TYR A 186 -22.16 -6.03 9.12
CA TYR A 186 -23.07 -5.58 10.17
C TYR A 186 -23.06 -4.06 10.35
N VAL A 187 -21.89 -3.50 10.62
CA VAL A 187 -21.77 -2.06 10.81
C VAL A 187 -22.12 -1.29 9.53
N ALA A 188 -22.01 -1.93 8.37
CA ALA A 188 -22.37 -1.25 7.14
C ALA A 188 -23.88 -1.07 7.13
N GLU A 189 -24.62 -2.11 7.50
CA GLU A 189 -26.08 -1.99 7.52
C GLU A 189 -26.47 -0.94 8.56
N ARG A 190 -25.76 -0.90 9.68
CA ARG A 190 -26.05 0.08 10.72
C ARG A 190 -25.86 1.50 10.19
N ALA A 191 -24.84 1.70 9.37
CA ALA A 191 -24.58 3.03 8.83
C ALA A 191 -25.71 3.44 7.88
N ALA A 192 -26.13 2.51 7.04
CA ALA A 192 -27.20 2.78 6.08
C ALA A 192 -28.46 3.24 6.82
N LEU A 193 -28.67 2.65 7.98
CA LEU A 193 -29.83 2.97 8.82
C LEU A 193 -29.68 4.38 9.42
N MET A 194 -28.50 4.70 9.91
CA MET A 194 -28.24 6.01 10.49
C MET A 194 -28.23 7.08 9.41
N LEU A 195 -28.19 6.65 8.15
CA LEU A 195 -28.18 7.54 7.01
C LEU A 195 -29.61 7.79 6.54
N GLY A 196 -30.50 6.87 6.90
CA GLY A 196 -31.90 6.97 6.53
C GLY A 196 -32.17 6.50 5.12
N LYS A 197 -31.10 6.30 4.37
CA LYS A 197 -31.19 5.84 2.98
C LYS A 197 -31.10 4.32 2.91
N PRO A 198 -31.66 3.70 1.86
CA PRO A 198 -31.61 2.23 1.72
C PRO A 198 -30.17 1.80 1.44
N ALA A 199 -29.81 0.61 1.88
CA ALA A 199 -28.46 0.11 1.67
C ALA A 199 -27.96 0.24 0.23
N GLU A 200 -28.78 -0.20 -0.72
CA GLU A 200 -28.42 -0.15 -2.14
C GLU A 200 -28.04 1.25 -2.64
N GLU A 201 -28.43 2.27 -1.89
CA GLU A 201 -28.18 3.65 -2.28
C GLU A 201 -27.03 4.31 -1.53
N THR A 202 -26.43 3.59 -0.60
CA THR A 202 -25.36 4.17 0.18
C THR A 202 -23.97 3.69 -0.23
N LYS A 203 -22.98 4.53 0.04
CA LYS A 203 -21.61 4.23 -0.25
C LYS A 203 -20.86 4.49 1.06
N ILE A 204 -20.32 3.42 1.65
CA ILE A 204 -19.67 3.53 2.93
C ILE A 204 -18.28 2.93 3.09
N ILE A 205 -17.44 3.55 3.90
CA ILE A 205 -16.12 3.02 4.13
C ILE A 205 -16.11 2.48 5.56
N THR A 206 -16.28 1.16 5.72
CA THR A 206 -16.29 0.59 7.05
C THR A 206 -14.85 0.35 7.58
N CYS A 207 -14.59 0.70 8.84
CA CYS A 207 -13.26 0.53 9.44
C CYS A 207 -13.30 -0.37 10.67
N HIS A 208 -12.76 -1.58 10.55
CA HIS A 208 -12.71 -2.50 11.68
C HIS A 208 -11.28 -2.35 12.24
N LEU A 209 -11.13 -1.86 13.47
CA LEU A 209 -9.78 -1.71 14.03
C LEU A 209 -9.68 -2.43 15.37
N GLY A 210 -9.00 -3.58 15.37
CA GLY A 210 -8.83 -4.35 16.60
C GLY A 210 -7.48 -5.01 16.54
N ASN A 211 -7.31 -6.16 17.19
CA ASN A 211 -6.03 -6.84 17.13
C ASN A 211 -5.60 -6.84 15.67
N GLY A 212 -6.60 -7.03 14.82
CA GLY A 212 -6.36 -7.02 13.39
C GLY A 212 -7.22 -5.89 12.88
N SER A 213 -6.80 -5.22 11.82
CA SER A 213 -7.58 -4.13 11.29
C SER A 213 -7.72 -4.21 9.78
N SER A 214 -8.86 -3.79 9.28
CA SER A 214 -9.11 -3.78 7.85
C SER A 214 -10.24 -2.79 7.53
N ILE A 215 -10.14 -2.18 6.36
CA ILE A 215 -11.11 -1.21 5.89
C ILE A 215 -11.77 -1.91 4.71
N THR A 216 -13.01 -1.54 4.40
CA THR A 216 -13.72 -2.13 3.29
C THR A 216 -14.56 -1.06 2.61
N ALA A 217 -14.64 -1.12 1.28
CA ALA A 217 -15.42 -0.18 0.51
C ALA A 217 -16.73 -0.88 0.15
N VAL A 218 -17.80 -0.53 0.87
CA VAL A 218 -19.10 -1.14 0.66
C VAL A 218 -19.95 -0.24 -0.23
N GLU A 219 -20.31 -0.75 -1.39
CA GLU A 219 -21.14 0.00 -2.30
C GLU A 219 -22.46 -0.75 -2.43
N GLY A 220 -23.55 -0.04 -2.21
CA GLY A 220 -24.86 -0.67 -2.29
C GLY A 220 -24.96 -1.86 -1.34
N GLY A 221 -24.29 -1.80 -0.20
CA GLY A 221 -24.36 -2.90 0.73
C GLY A 221 -23.48 -4.09 0.40
N LYS A 222 -22.65 -3.96 -0.63
CA LYS A 222 -21.75 -5.06 -1.03
C LYS A 222 -20.30 -4.67 -1.08
N SER A 223 -19.45 -5.53 -0.52
CA SER A 223 -18.02 -5.27 -0.52
C SER A 223 -17.49 -5.21 -1.94
N VAL A 224 -16.84 -4.11 -2.30
CA VAL A 224 -16.26 -3.91 -3.63
C VAL A 224 -14.73 -3.86 -3.56
N GLU A 225 -14.20 -3.74 -2.35
CA GLU A 225 -12.76 -3.67 -2.12
C GLU A 225 -12.46 -3.72 -0.61
N THR A 226 -11.32 -4.29 -0.24
CA THR A 226 -10.99 -4.42 1.17
C THR A 226 -9.47 -4.41 1.34
N SER A 227 -9.03 -4.00 2.53
CA SER A 227 -7.61 -3.89 2.81
C SER A 227 -6.82 -5.20 2.91
N MET A 228 -7.43 -6.25 3.46
CA MET A 228 -6.69 -7.51 3.55
C MET A 228 -6.81 -8.27 2.21
N GLY A 229 -5.95 -9.26 1.99
CA GLY A 229 -5.99 -9.97 0.73
C GLY A 229 -6.02 -11.48 0.82
N PHE A 230 -4.99 -12.10 0.24
CA PHE A 230 -4.89 -13.54 0.24
C PHE A 230 -4.93 -14.01 1.68
N THR A 231 -4.21 -13.29 2.54
CA THR A 231 -4.18 -13.60 3.96
C THR A 231 -4.54 -12.37 4.77
N PRO A 232 -4.72 -12.53 6.10
CA PRO A 232 -5.05 -11.38 6.93
C PRO A 232 -3.82 -10.52 7.27
N LEU A 233 -2.77 -10.60 6.47
CA LEU A 233 -1.55 -9.80 6.74
C LEU A 233 -1.46 -8.55 5.91
N GLU A 234 -2.03 -8.59 4.72
CA GLU A 234 -2.00 -7.47 3.82
C GLU A 234 -2.82 -6.29 4.33
N GLY A 235 -2.46 -5.09 3.89
CA GLY A 235 -3.20 -3.90 4.30
C GLY A 235 -2.57 -2.99 5.32
N LEU A 236 -3.35 -2.66 6.34
CA LEU A 236 -2.99 -1.78 7.45
C LEU A 236 -2.00 -2.41 8.40
N ALA A 237 -1.29 -1.58 9.15
CA ALA A 237 -0.36 -2.10 10.16
C ALA A 237 -1.33 -2.50 11.27
N MET A 238 -0.97 -3.51 12.05
CA MET A 238 -1.86 -3.97 13.15
C MET A 238 -1.07 -4.23 14.44
N GLY A 239 -1.69 -5.00 15.34
CA GLY A 239 -1.07 -5.33 16.61
C GLY A 239 0.33 -5.94 16.48
N THR A 240 0.45 -6.96 15.65
CA THR A 240 1.72 -7.61 15.43
C THR A 240 1.95 -7.83 13.94
N ARG A 241 1.03 -7.35 13.10
CA ARG A 241 1.11 -7.49 11.64
C ARG A 241 1.65 -6.28 10.90
N CYS A 242 2.55 -6.48 9.93
CA CYS A 242 3.17 -5.38 9.19
C CYS A 242 2.33 -4.75 8.08
N GLY A 243 1.42 -5.51 7.52
CA GLY A 243 0.59 -4.98 6.45
C GLY A 243 1.34 -4.87 5.13
N SER A 244 0.81 -4.06 4.21
CA SER A 244 1.41 -3.87 2.90
C SER A 244 2.75 -3.15 2.93
N ILE A 245 3.83 -3.92 2.92
CA ILE A 245 5.19 -3.38 2.90
C ILE A 245 5.72 -3.69 1.50
N ASP A 246 6.89 -3.17 1.17
CA ASP A 246 7.50 -3.46 -0.12
C ASP A 246 7.79 -4.95 -0.06
N PRO A 247 7.28 -5.73 -1.03
CA PRO A 247 7.52 -7.18 -1.00
C PRO A 247 8.99 -7.56 -1.17
N ALA A 248 9.71 -6.76 -1.93
CA ALA A 248 11.13 -7.02 -2.14
C ALA A 248 11.86 -7.15 -0.80
N ILE A 249 11.27 -6.63 0.28
CA ILE A 249 11.89 -6.71 1.61
C ILE A 249 11.96 -8.14 2.13
N VAL A 250 11.01 -8.97 1.70
CA VAL A 250 10.99 -10.36 2.10
C VAL A 250 12.28 -11.06 1.65
N PRO A 251 12.50 -11.16 0.32
CA PRO A 251 13.72 -11.83 -0.15
C PRO A 251 14.98 -11.15 0.43
N PHE A 252 14.93 -9.83 0.54
CA PHE A 252 16.04 -9.07 1.09
C PHE A 252 16.37 -9.52 2.51
N LEU A 253 15.36 -9.43 3.37
CA LEU A 253 15.51 -9.81 4.76
C LEU A 253 15.88 -11.27 4.90
N MET A 254 15.50 -12.08 3.93
CA MET A 254 15.80 -13.50 3.94
C MET A 254 17.30 -13.72 3.69
N GLU A 255 17.85 -12.99 2.74
CA GLU A 255 19.27 -13.09 2.40
C GLU A 255 20.15 -12.46 3.49
N LYS A 256 19.78 -11.28 3.94
CA LYS A 256 20.56 -10.60 4.96
C LYS A 256 20.59 -11.34 6.30
N GLU A 257 19.44 -11.86 6.72
CA GLU A 257 19.37 -12.57 8.00
C GLU A 257 19.37 -14.10 7.81
N GLY A 258 19.36 -14.55 6.55
CA GLY A 258 19.36 -15.97 6.31
C GLY A 258 18.16 -16.64 6.96
N LEU A 259 17.02 -15.96 6.90
CA LEU A 259 15.79 -16.48 7.48
C LEU A 259 15.07 -17.42 6.52
N THR A 260 14.36 -18.39 7.07
CA THR A 260 13.60 -19.33 6.26
C THR A 260 12.24 -18.73 5.94
N THR A 261 11.51 -19.32 5.00
CA THR A 261 10.20 -18.81 4.65
C THR A 261 9.31 -18.85 5.88
N ARG A 262 9.43 -19.92 6.67
CA ARG A 262 8.63 -20.04 7.88
C ARG A 262 8.93 -18.88 8.82
N GLU A 263 10.21 -18.60 9.04
CA GLU A 263 10.59 -17.53 9.94
C GLU A 263 10.16 -16.15 9.47
N ILE A 264 10.34 -15.84 8.18
CA ILE A 264 9.97 -14.51 7.68
C ILE A 264 8.46 -14.33 7.83
N ASP A 265 7.73 -15.44 7.84
CA ASP A 265 6.29 -15.37 7.98
C ASP A 265 5.92 -15.03 9.43
N THR A 266 6.59 -15.68 10.37
CA THR A 266 6.32 -15.42 11.77
C THR A 266 6.78 -14.01 12.13
N LEU A 267 7.77 -13.51 11.42
CA LEU A 267 8.26 -12.19 11.70
C LEU A 267 7.27 -11.12 11.27
N MET A 268 6.67 -11.33 10.11
CA MET A 268 5.68 -10.42 9.54
C MET A 268 4.34 -10.50 10.25
N ASN A 269 4.02 -11.67 10.75
CA ASN A 269 2.75 -11.87 11.44
C ASN A 269 2.77 -11.73 12.94
N LYS A 270 3.87 -12.08 13.59
CA LYS A 270 3.89 -12.01 15.04
C LYS A 270 4.82 -10.99 15.69
N LYS A 271 5.74 -10.43 14.92
CA LYS A 271 6.70 -9.51 15.48
C LYS A 271 6.71 -8.12 14.89
N SER A 272 5.83 -7.85 13.93
CA SER A 272 5.78 -6.55 13.31
C SER A 272 4.62 -5.72 13.88
N GLY A 273 4.00 -4.90 13.04
CA GLY A 273 2.89 -4.08 13.49
C GLY A 273 3.34 -3.08 14.54
N VAL A 274 2.41 -2.63 15.39
CA VAL A 274 2.80 -1.70 16.44
C VAL A 274 3.72 -2.38 17.43
N LEU A 275 3.60 -3.69 17.60
CA LEU A 275 4.49 -4.38 18.54
C LEU A 275 5.94 -4.21 18.10
N GLY A 276 6.17 -4.41 16.81
CA GLY A 276 7.50 -4.28 16.27
C GLY A 276 8.11 -2.90 16.34
N VAL A 277 7.30 -1.87 16.12
CA VAL A 277 7.81 -0.52 16.16
C VAL A 277 8.01 -0.05 17.60
N SER A 278 6.99 -0.22 18.43
CA SER A 278 7.07 0.22 19.82
C SER A 278 8.07 -0.56 20.67
N GLY A 279 8.20 -1.86 20.37
CA GLY A 279 9.08 -2.69 21.15
C GLY A 279 8.49 -2.84 22.54
N LEU A 280 7.23 -2.41 22.70
CA LEU A 280 6.57 -2.49 24.00
C LEU A 280 5.47 -3.55 24.07
N SER A 281 4.47 -3.46 23.19
CA SER A 281 3.39 -4.43 23.20
C SER A 281 2.48 -4.24 22.01
N ASN A 282 1.52 -5.15 21.85
CA ASN A 282 0.58 -5.11 20.74
C ASN A 282 -0.74 -4.51 21.16
N ASP A 283 -0.89 -4.21 22.44
CA ASP A 283 -2.13 -3.64 22.97
C ASP A 283 -2.14 -2.13 22.71
N PHE A 284 -3.12 -1.68 21.94
CA PHE A 284 -3.20 -0.26 21.62
C PHE A 284 -3.52 0.60 22.83
N ARG A 285 -4.15 0.01 23.83
CA ARG A 285 -4.46 0.74 25.05
C ARG A 285 -3.13 1.04 25.71
N ASP A 286 -2.31 0.01 25.87
CA ASP A 286 -1.02 0.20 26.49
C ASP A 286 -0.24 1.24 25.74
N LEU A 287 -0.21 1.12 24.42
CA LEU A 287 0.51 2.07 23.58
C LEU A 287 -0.01 3.49 23.75
N ASP A 288 -1.32 3.63 23.83
CA ASP A 288 -1.92 4.95 23.98
C ASP A 288 -1.38 5.61 25.24
N GLU A 289 -1.45 4.89 26.35
CA GLU A 289 -0.96 5.40 27.61
C GLU A 289 0.55 5.66 27.58
N ALA A 290 1.30 4.69 27.06
CA ALA A 290 2.75 4.84 26.99
C ALA A 290 3.18 6.01 26.13
N ALA A 291 2.41 6.28 25.07
CA ALA A 291 2.72 7.37 24.17
C ALA A 291 2.41 8.70 24.85
N SER A 292 1.37 8.70 25.66
CA SER A 292 1.00 9.93 26.33
C SER A 292 1.92 10.22 27.51
N LYS A 293 2.68 9.22 27.94
CA LYS A 293 3.59 9.44 29.04
C LYS A 293 4.99 9.76 28.56
N GLY A 294 5.20 9.76 27.25
CA GLY A 294 6.51 10.10 26.74
C GLY A 294 7.32 9.05 26.00
N ASN A 295 6.72 7.88 25.77
CA ASN A 295 7.42 6.81 25.04
C ASN A 295 7.37 7.09 23.53
N ARG A 296 8.45 7.61 22.95
CA ARG A 296 8.49 7.95 21.54
C ARG A 296 8.13 6.77 20.62
N LYS A 297 8.58 5.58 20.99
CA LYS A 297 8.32 4.37 20.23
C LYS A 297 6.83 4.09 20.12
N ALA A 298 6.14 4.13 21.25
CA ALA A 298 4.71 3.88 21.28
C ALA A 298 3.99 4.96 20.48
N GLU A 299 4.51 6.19 20.56
CA GLU A 299 3.96 7.33 19.84
C GLU A 299 4.12 7.08 18.35
N LEU A 300 5.33 6.72 17.94
CA LEU A 300 5.63 6.47 16.55
C LEU A 300 4.74 5.34 16.03
N ALA A 301 4.57 4.30 16.83
CA ALA A 301 3.74 3.17 16.45
C ALA A 301 2.29 3.60 16.17
N LEU A 302 1.66 4.35 17.06
CA LEU A 302 0.28 4.76 16.80
C LEU A 302 0.23 5.76 15.67
N GLU A 303 1.32 6.50 15.47
CA GLU A 303 1.37 7.50 14.41
C GLU A 303 1.30 6.81 13.05
N ILE A 304 1.99 5.69 12.93
CA ILE A 304 1.99 4.92 11.70
C ILE A 304 0.63 4.26 11.47
N PHE A 305 0.02 3.81 12.56
CA PHE A 305 -1.28 3.14 12.48
C PHE A 305 -2.41 4.07 12.02
N ALA A 306 -2.51 5.25 12.61
CA ALA A 306 -3.60 6.15 12.23
C ALA A 306 -3.39 6.69 10.83
N TYR A 307 -2.14 6.98 10.49
CA TYR A 307 -1.82 7.52 9.16
C TYR A 307 -2.20 6.52 8.07
N LYS A 308 -1.92 5.25 8.31
CA LYS A 308 -2.23 4.20 7.34
C LYS A 308 -3.74 4.11 7.18
N VAL A 309 -4.48 4.20 8.27
CA VAL A 309 -5.93 4.14 8.18
C VAL A 309 -6.47 5.34 7.39
N LYS A 310 -5.81 6.48 7.57
CA LYS A 310 -6.20 7.71 6.90
C LYS A 310 -6.04 7.56 5.39
N LYS A 311 -4.88 7.06 4.97
CA LYS A 311 -4.66 6.90 3.55
C LYS A 311 -5.71 5.98 2.92
N PHE A 312 -6.04 4.86 3.57
CA PHE A 312 -7.06 3.95 3.05
C PHE A 312 -8.39 4.67 2.93
N ILE A 313 -8.68 5.57 3.87
CA ILE A 313 -9.93 6.29 3.79
C ILE A 313 -9.99 7.10 2.51
N GLY A 314 -8.84 7.64 2.10
CA GLY A 314 -8.80 8.45 0.89
C GLY A 314 -8.80 7.52 -0.31
N GLU A 315 -8.17 6.38 -0.12
CA GLU A 315 -8.07 5.40 -1.17
C GLU A 315 -9.47 4.89 -1.52
N TYR A 316 -10.35 4.66 -0.54
CA TYR A 316 -11.68 4.16 -0.89
C TYR A 316 -12.67 5.25 -1.26
N SER A 317 -12.26 6.50 -1.13
CA SER A 317 -13.12 7.60 -1.51
C SER A 317 -13.11 7.62 -3.04
N ALA A 318 -11.95 7.32 -3.63
CA ALA A 318 -11.82 7.28 -5.09
C ALA A 318 -12.59 6.07 -5.63
N VAL A 319 -12.46 4.95 -4.93
CA VAL A 319 -13.12 3.73 -5.36
C VAL A 319 -14.62 3.92 -5.46
N LEU A 320 -15.20 4.55 -4.44
CA LEU A 320 -16.62 4.80 -4.37
C LEU A 320 -17.04 6.10 -4.99
N ASN A 321 -16.09 6.78 -5.63
CA ASN A 321 -16.38 8.09 -6.24
C ASN A 321 -17.16 8.98 -5.27
N GLY A 322 -16.73 8.99 -4.01
CA GLY A 322 -17.37 9.79 -2.99
C GLY A 322 -18.06 8.89 -1.99
N ALA A 323 -17.67 8.97 -0.71
CA ALA A 323 -18.30 8.12 0.30
C ALA A 323 -19.29 8.93 1.11
N ASP A 324 -20.42 8.32 1.48
CA ASP A 324 -21.42 9.03 2.26
C ASP A 324 -20.97 9.12 3.71
N ALA A 325 -20.34 8.03 4.20
CA ALA A 325 -19.88 7.97 5.58
C ALA A 325 -18.68 7.02 5.83
N VAL A 326 -17.95 7.30 6.90
CA VAL A 326 -16.82 6.50 7.30
C VAL A 326 -17.24 5.90 8.64
N VAL A 327 -17.05 4.60 8.82
CA VAL A 327 -17.45 3.92 10.04
C VAL A 327 -16.32 3.31 10.86
N PHE A 328 -16.29 3.63 12.15
CA PHE A 328 -15.28 3.08 13.03
C PHE A 328 -15.94 2.09 14.01
N THR A 329 -15.41 0.87 14.04
CA THR A 329 -15.92 -0.16 14.93
C THR A 329 -14.75 -0.99 15.44
N ALA A 330 -15.07 -2.03 16.21
CA ALA A 330 -14.11 -2.94 16.83
C ALA A 330 -13.44 -2.32 18.06
N GLY A 331 -12.52 -3.07 18.67
CA GLY A 331 -11.83 -2.60 19.86
C GLY A 331 -11.35 -1.17 19.84
N ILE A 332 -10.44 -0.85 18.91
CA ILE A 332 -9.88 0.48 18.78
C ILE A 332 -10.92 1.47 18.23
N GLY A 333 -11.59 1.08 17.15
CA GLY A 333 -12.56 1.96 16.53
C GLY A 333 -13.73 2.41 17.36
N GLU A 334 -14.14 1.58 18.31
CA GLU A 334 -15.29 1.89 19.16
C GLU A 334 -14.91 2.70 20.40
N ASN A 335 -13.84 2.25 21.05
CA ASN A 335 -13.41 2.88 22.29
C ASN A 335 -12.39 4.00 22.18
N SER A 336 -11.36 3.82 21.36
CA SER A 336 -10.35 4.86 21.27
C SER A 336 -10.82 6.13 20.56
N ALA A 337 -10.84 7.23 21.30
CA ALA A 337 -11.24 8.53 20.80
C ALA A 337 -9.97 9.25 20.33
N SER A 338 -8.88 9.01 21.05
CA SER A 338 -7.60 9.60 20.73
C SER A 338 -7.07 9.09 19.39
N ILE A 339 -7.03 7.78 19.21
CA ILE A 339 -6.55 7.22 17.96
C ILE A 339 -7.46 7.67 16.83
N ARG A 340 -8.77 7.69 17.10
CA ARG A 340 -9.76 8.12 16.12
C ARG A 340 -9.43 9.54 15.65
N LYS A 341 -9.10 10.40 16.60
CA LYS A 341 -8.78 11.77 16.28
C LYS A 341 -7.54 11.79 15.38
N ARG A 342 -6.53 10.99 15.74
CA ARG A 342 -5.30 10.91 14.95
C ARG A 342 -5.61 10.58 13.46
N ILE A 343 -6.55 9.66 13.26
CA ILE A 343 -6.97 9.21 11.95
C ILE A 343 -7.77 10.24 11.13
N LEU A 344 -8.65 10.98 11.79
CA LEU A 344 -9.49 11.94 11.10
C LEU A 344 -9.01 13.39 10.97
N THR A 345 -7.96 13.76 11.68
CA THR A 345 -7.47 15.13 11.56
C THR A 345 -6.88 15.40 10.19
N GLY A 346 -7.15 16.59 9.64
CA GLY A 346 -6.64 16.98 8.34
C GLY A 346 -7.28 16.32 7.14
N LEU A 347 -8.60 16.15 7.20
CA LEU A 347 -9.33 15.52 6.12
C LEU A 347 -10.57 16.33 5.75
N ASP A 348 -10.58 17.61 6.11
CA ASP A 348 -11.72 18.45 5.82
C ASP A 348 -11.76 18.72 4.32
N GLY A 349 -10.60 18.54 3.68
CA GLY A 349 -10.50 18.73 2.25
C GLY A 349 -11.22 17.64 1.46
N ILE A 350 -11.51 16.49 2.09
CA ILE A 350 -12.24 15.42 1.40
C ILE A 350 -13.61 15.21 2.06
N GLY A 351 -14.09 16.26 2.72
CA GLY A 351 -15.41 16.26 3.37
C GLY A 351 -15.53 15.73 4.78
N ILE A 352 -14.42 15.29 5.32
CA ILE A 352 -14.43 14.74 6.67
C ILE A 352 -14.04 15.78 7.70
N LYS A 353 -14.92 15.99 8.66
CA LYS A 353 -14.70 16.96 9.72
C LYS A 353 -15.31 16.35 10.97
N ILE A 354 -14.69 16.52 12.12
CA ILE A 354 -15.28 15.94 13.31
C ILE A 354 -15.30 16.82 14.54
N ASP A 355 -16.32 16.60 15.37
CA ASP A 355 -16.52 17.32 16.62
C ASP A 355 -15.67 16.68 17.71
N ASP A 356 -14.52 17.28 18.02
CA ASP A 356 -13.63 16.74 19.04
C ASP A 356 -14.30 16.32 20.33
N GLU A 357 -15.37 17.04 20.72
CA GLU A 357 -16.08 16.74 21.96
C GLU A 357 -17.05 15.57 21.84
N LYS A 358 -17.84 15.57 20.78
CA LYS A 358 -18.79 14.49 20.61
C LYS A 358 -18.00 13.21 20.38
N ASN A 359 -16.77 13.37 19.88
CA ASN A 359 -15.89 12.24 19.63
C ASN A 359 -15.33 11.59 20.90
N LYS A 360 -15.52 12.23 22.05
CA LYS A 360 -15.04 11.70 23.33
C LYS A 360 -16.03 10.73 23.97
N ILE A 361 -17.23 10.61 23.40
CA ILE A 361 -18.23 9.71 23.94
C ILE A 361 -17.75 8.26 23.92
N ARG A 362 -18.18 7.49 24.92
CA ARG A 362 -17.79 6.09 25.05
C ARG A 362 -18.32 5.17 23.94
N GLY A 363 -18.70 3.96 24.34
CA GLY A 363 -19.21 2.97 23.41
C GLY A 363 -20.66 3.22 23.07
N GLN A 364 -20.88 4.08 22.09
CA GLN A 364 -22.23 4.41 21.67
C GLN A 364 -22.25 4.64 20.18
N GLU A 365 -23.33 4.20 19.54
CA GLU A 365 -23.49 4.38 18.12
C GLU A 365 -23.83 5.87 17.99
N ILE A 366 -22.95 6.64 17.35
CA ILE A 366 -23.19 8.08 17.18
C ILE A 366 -22.38 8.74 16.06
N ASP A 367 -22.96 9.81 15.52
CA ASP A 367 -22.35 10.60 14.44
C ASP A 367 -21.36 11.54 15.12
N ILE A 368 -20.07 11.35 14.88
CA ILE A 368 -19.08 12.21 15.52
C ILE A 368 -18.54 13.32 14.63
N SER A 369 -19.21 13.58 13.52
CA SER A 369 -18.78 14.62 12.58
C SER A 369 -19.63 15.87 12.70
N THR A 370 -19.05 17.01 12.33
CA THR A 370 -19.77 18.29 12.35
C THR A 370 -20.99 18.16 11.47
N PRO A 371 -22.13 18.74 11.88
CA PRO A 371 -23.37 18.67 11.10
C PRO A 371 -23.28 19.23 9.69
N ASP A 372 -22.24 20.01 9.44
CA ASP A 372 -22.05 20.59 8.11
C ASP A 372 -21.08 19.79 7.24
N ALA A 373 -20.37 18.84 7.86
CA ALA A 373 -19.40 18.00 7.14
C ALA A 373 -20.09 17.19 6.06
N LYS A 374 -19.53 17.22 4.85
CA LYS A 374 -20.14 16.51 3.73
C LYS A 374 -20.23 15.00 3.99
N VAL A 375 -19.24 14.49 4.72
CA VAL A 375 -19.14 13.08 5.03
C VAL A 375 -19.46 12.77 6.49
N ARG A 376 -20.36 11.82 6.70
CA ARG A 376 -20.70 11.44 8.06
C ARG A 376 -19.64 10.51 8.60
N VAL A 377 -19.50 10.54 9.92
CA VAL A 377 -18.55 9.68 10.62
C VAL A 377 -19.21 9.04 11.81
N PHE A 378 -19.61 7.79 11.62
CA PHE A 378 -20.27 7.04 12.69
C PHE A 378 -19.29 6.17 13.45
N VAL A 379 -19.53 6.04 14.76
CA VAL A 379 -18.74 5.18 15.63
C VAL A 379 -19.75 4.10 15.97
N ILE A 380 -19.74 2.99 15.24
CA ILE A 380 -20.71 1.92 15.47
C ILE A 380 -20.17 0.64 16.09
N PRO A 381 -20.54 0.37 17.36
CA PRO A 381 -20.05 -0.85 18.00
C PRO A 381 -20.45 -2.08 17.16
N THR A 382 -19.48 -2.97 16.95
CA THR A 382 -19.75 -4.14 16.14
C THR A 382 -20.41 -5.24 16.94
N ASN A 383 -21.11 -6.12 16.24
CA ASN A 383 -21.80 -7.22 16.88
C ASN A 383 -21.78 -8.47 16.01
N GLU A 384 -20.57 -9.00 15.79
CA GLU A 384 -20.41 -10.21 14.99
C GLU A 384 -21.24 -11.36 15.53
N GLU A 385 -21.25 -11.52 16.85
CA GLU A 385 -21.97 -12.58 17.52
C GLU A 385 -23.41 -12.71 17.00
N LEU A 386 -24.10 -11.58 16.88
CA LEU A 386 -25.47 -11.60 16.40
C LEU A 386 -25.45 -12.01 14.94
N ALA A 387 -24.50 -11.47 14.18
CA ALA A 387 -24.38 -11.80 12.77
C ALA A 387 -24.18 -13.31 12.60
N ILE A 388 -23.33 -13.89 13.45
CA ILE A 388 -23.04 -15.32 13.43
C ILE A 388 -24.25 -16.12 13.91
N ALA A 389 -24.85 -15.69 15.02
CA ALA A 389 -26.01 -16.37 15.55
C ALA A 389 -27.14 -16.37 14.54
N ARG A 390 -27.30 -15.27 13.81
CA ARG A 390 -28.33 -15.17 12.78
C ARG A 390 -28.05 -16.20 11.69
N GLU A 391 -26.81 -16.27 11.22
CA GLU A 391 -26.41 -17.23 10.18
C GLU A 391 -26.62 -18.67 10.68
N THR A 392 -26.31 -18.90 11.96
CA THR A 392 -26.44 -20.22 12.56
C THR A 392 -27.90 -20.62 12.69
N LYS A 393 -28.75 -19.64 13.01
CA LYS A 393 -30.16 -19.91 13.14
C LYS A 393 -30.72 -20.42 11.81
N GLU A 394 -30.36 -19.77 10.71
CA GLU A 394 -30.85 -20.17 9.37
C GLU A 394 -30.41 -21.55 8.95
N ILE A 395 -29.10 -21.78 8.89
CA ILE A 395 -28.56 -23.08 8.49
C ILE A 395 -29.21 -24.24 9.23
N VAL A 396 -29.16 -24.21 10.57
CA VAL A 396 -29.74 -25.30 11.37
C VAL A 396 -31.22 -25.57 11.09
N GLU A 397 -32.00 -24.53 10.82
CA GLU A 397 -33.44 -24.70 10.55
C GLU A 397 -33.71 -25.11 9.11
N THR A 398 -33.16 -24.34 8.17
CA THR A 398 -33.36 -24.62 6.75
C THR A 398 -32.67 -25.92 6.33
N GLU A 399 -32.59 -26.88 7.26
CA GLU A 399 -31.98 -28.19 6.99
C GLU A 399 -30.46 -28.08 6.79
N MET B 1 24.29 30.20 -17.13
CA MET B 1 25.18 29.01 -16.90
C MET B 1 24.99 27.95 -18.00
N LYS B 2 26.05 27.20 -18.27
CA LYS B 2 25.99 26.14 -19.27
C LYS B 2 26.30 24.80 -18.59
N VAL B 3 25.31 23.90 -18.59
CA VAL B 3 25.46 22.58 -17.97
C VAL B 3 25.54 21.44 -18.98
N LEU B 4 26.41 20.47 -18.72
CA LEU B 4 26.56 19.31 -19.60
C LEU B 4 25.99 18.11 -18.83
N VAL B 5 24.89 17.58 -19.31
CA VAL B 5 24.27 16.43 -18.68
C VAL B 5 24.76 15.15 -19.36
N ILE B 6 25.26 14.20 -18.58
CA ILE B 6 25.79 12.95 -19.13
C ILE B 6 25.00 11.77 -18.61
N ASN B 7 24.95 10.69 -19.38
CA ASN B 7 24.22 9.51 -18.97
C ASN B 7 25.02 8.30 -19.45
N ALA B 8 25.88 7.77 -18.59
CA ALA B 8 26.72 6.62 -18.93
C ALA B 8 25.91 5.35 -19.14
N GLY B 9 26.48 4.44 -19.93
CA GLY B 9 25.83 3.18 -20.22
C GLY B 9 26.85 2.07 -20.39
N SER B 10 26.38 0.84 -20.62
CA SER B 10 27.26 -0.30 -20.80
C SER B 10 28.40 0.10 -21.73
N SER B 11 28.07 0.31 -23.00
CA SER B 11 29.03 0.71 -24.02
C SER B 11 28.53 1.92 -24.81
N SER B 12 27.82 2.80 -24.11
CA SER B 12 27.27 4.02 -24.72
C SER B 12 27.46 5.21 -23.78
N LEU B 13 27.19 6.41 -24.30
CA LEU B 13 27.32 7.63 -23.54
C LEU B 13 26.42 8.71 -24.13
N LYS B 14 25.29 9.01 -23.47
CA LYS B 14 24.36 10.03 -23.94
C LYS B 14 24.69 11.33 -23.23
N TYR B 15 24.57 12.45 -23.93
CA TYR B 15 24.89 13.73 -23.32
C TYR B 15 24.06 14.86 -23.89
N GLN B 16 24.06 15.98 -23.16
CA GLN B 16 23.33 17.15 -23.58
C GLN B 16 23.99 18.41 -23.00
N LEU B 17 24.10 19.45 -23.82
CA LEU B 17 24.67 20.73 -23.37
C LEU B 17 23.50 21.70 -23.33
N ILE B 18 23.19 22.20 -22.14
CA ILE B 18 22.08 23.11 -21.99
C ILE B 18 22.48 24.47 -21.46
N ASP B 19 21.93 25.49 -22.11
CA ASP B 19 22.16 26.89 -21.73
C ASP B 19 21.05 27.18 -20.74
N MET B 20 21.41 27.30 -19.45
CA MET B 20 20.46 27.57 -18.38
C MET B 20 19.76 28.92 -18.46
N THR B 21 20.28 29.81 -19.30
CA THR B 21 19.69 31.14 -19.48
C THR B 21 18.31 31.00 -20.10
N ASN B 22 18.22 30.17 -21.13
CA ASN B 22 16.97 29.95 -21.83
C ASN B 22 16.60 28.48 -21.79
N GLU B 23 17.31 27.75 -20.94
CA GLU B 23 17.08 26.32 -20.80
C GLU B 23 16.88 25.69 -22.19
N SER B 24 17.78 26.04 -23.11
CA SER B 24 17.72 25.53 -24.49
C SER B 24 18.86 24.55 -24.76
N ALA B 25 18.53 23.38 -25.33
CA ALA B 25 19.55 22.39 -25.62
C ALA B 25 20.33 22.72 -26.89
N LEU B 26 21.49 23.32 -26.69
CA LEU B 26 22.35 23.71 -27.79
C LEU B 26 22.78 22.51 -28.61
N ALA B 27 23.10 21.41 -27.94
CA ALA B 27 23.57 20.24 -28.65
C ALA B 27 23.23 18.99 -27.86
N VAL B 28 23.02 17.89 -28.58
CA VAL B 28 22.69 16.61 -27.96
C VAL B 28 23.37 15.47 -28.74
N GLY B 29 24.11 14.62 -28.04
CA GLY B 29 24.79 13.54 -28.73
C GLY B 29 24.69 12.18 -28.07
N LEU B 30 25.37 11.20 -28.66
CA LEU B 30 25.36 9.84 -28.16
C LEU B 30 26.53 9.06 -28.72
N CYS B 31 27.36 8.50 -27.84
CA CYS B 31 28.51 7.71 -28.26
C CYS B 31 28.09 6.25 -28.17
N GLU B 32 27.95 5.57 -29.31
CA GLU B 32 27.57 4.16 -29.31
C GLU B 32 28.75 3.25 -29.59
N ARG B 33 28.56 1.94 -29.42
CA ARG B 33 29.63 0.98 -29.68
C ARG B 33 30.93 1.38 -28.98
N ILE B 34 30.87 1.57 -27.66
CA ILE B 34 32.04 1.95 -26.86
C ILE B 34 32.77 0.70 -26.35
N GLY B 35 34.10 0.71 -26.48
CA GLY B 35 34.89 -0.41 -26.03
C GLY B 35 34.77 -1.62 -26.97
N ILE B 36 34.24 -1.39 -28.17
CA ILE B 36 34.08 -2.47 -29.14
C ILE B 36 34.50 -1.95 -30.52
N ASP B 37 33.89 -2.49 -31.58
CA ASP B 37 34.18 -2.09 -32.96
C ASP B 37 33.16 -1.07 -33.44
N ASN B 38 33.40 -0.55 -34.63
CA ASN B 38 32.53 0.44 -35.27
C ASN B 38 32.12 1.59 -34.34
N SER B 39 33.07 2.06 -33.53
CA SER B 39 32.81 3.14 -32.60
C SER B 39 32.32 4.38 -33.34
N ILE B 40 31.26 4.99 -32.81
CA ILE B 40 30.66 6.17 -33.44
C ILE B 40 30.10 7.21 -32.47
N ILE B 41 30.23 8.49 -32.83
CA ILE B 41 29.69 9.57 -31.99
C ILE B 41 28.78 10.44 -32.86
N THR B 42 27.52 10.54 -32.46
CA THR B 42 26.53 11.31 -33.20
C THR B 42 26.08 12.53 -32.40
N GLN B 43 26.24 13.73 -32.98
CA GLN B 43 25.83 14.97 -32.31
C GLN B 43 24.85 15.76 -33.17
N LYS B 44 23.85 16.36 -32.52
CA LYS B 44 22.85 17.16 -33.22
C LYS B 44 22.88 18.57 -32.66
N LYS B 45 23.00 19.55 -33.54
CA LYS B 45 23.02 20.94 -33.13
C LYS B 45 21.63 21.52 -33.35
N PHE B 46 21.20 22.37 -32.42
CA PHE B 46 19.88 22.98 -32.47
C PHE B 46 19.38 23.37 -33.86
N ASP B 47 20.17 24.19 -34.57
CA ASP B 47 19.80 24.66 -35.90
C ASP B 47 19.91 23.59 -36.98
N GLY B 48 19.30 22.43 -36.73
CA GLY B 48 19.31 21.34 -37.70
C GLY B 48 20.62 21.02 -38.39
N LYS B 49 21.60 20.57 -37.63
CA LYS B 49 22.89 20.18 -38.18
C LYS B 49 23.37 18.96 -37.42
N LYS B 50 23.58 17.87 -38.14
CA LYS B 50 23.98 16.60 -37.54
C LYS B 50 25.38 16.16 -37.93
N LEU B 51 26.18 15.75 -36.94
CA LEU B 51 27.54 15.30 -37.18
C LEU B 51 27.72 13.84 -36.76
N GLU B 52 28.29 13.06 -37.66
CA GLU B 52 28.54 11.66 -37.39
C GLU B 52 30.03 11.41 -37.63
N LYS B 53 30.77 11.09 -36.58
CA LYS B 53 32.20 10.83 -36.70
C LYS B 53 32.50 9.39 -36.29
N LEU B 54 33.25 8.67 -37.13
CA LEU B 54 33.59 7.27 -36.87
C LEU B 54 34.91 7.00 -36.14
N THR B 55 35.26 7.83 -35.17
CA THR B 55 36.47 7.64 -34.39
C THR B 55 36.22 6.44 -33.47
N ASP B 56 37.29 5.72 -33.12
CA ASP B 56 37.21 4.56 -32.25
C ASP B 56 37.16 5.01 -30.80
N LEU B 57 36.30 4.39 -30.01
CA LEU B 57 36.16 4.74 -28.60
C LEU B 57 36.50 3.58 -27.67
N PRO B 58 37.78 3.49 -27.25
CA PRO B 58 38.24 2.43 -26.36
C PRO B 58 37.52 2.54 -25.01
N THR B 59 38.02 3.42 -24.15
CA THR B 59 37.42 3.62 -22.83
C THR B 59 36.52 4.87 -22.85
N HIS B 60 35.50 4.88 -21.98
CA HIS B 60 34.55 6.00 -21.92
C HIS B 60 35.24 7.36 -21.83
N LYS B 61 36.39 7.41 -21.17
CA LYS B 61 37.14 8.65 -21.00
C LYS B 61 37.43 9.31 -22.34
N ASP B 62 37.62 8.47 -23.35
CA ASP B 62 37.90 8.96 -24.69
C ASP B 62 36.59 9.36 -25.33
N ALA B 63 35.52 8.64 -24.98
CA ALA B 63 34.20 8.94 -25.51
C ALA B 63 33.75 10.30 -25.02
N LEU B 64 34.35 10.76 -23.93
CA LEU B 64 33.98 12.05 -23.37
C LEU B 64 34.91 13.11 -23.94
N GLU B 65 36.16 12.75 -24.17
CA GLU B 65 37.12 13.68 -24.73
C GLU B 65 36.73 14.00 -26.17
N GLU B 66 35.95 13.09 -26.76
CA GLU B 66 35.45 13.26 -28.13
C GLU B 66 34.21 14.12 -28.11
N VAL B 67 33.46 14.05 -27.01
CA VAL B 67 32.26 14.86 -26.88
C VAL B 67 32.74 16.30 -26.83
N VAL B 68 33.98 16.50 -26.42
CA VAL B 68 34.55 17.84 -26.34
C VAL B 68 34.83 18.35 -27.74
N LYS B 69 35.48 17.51 -28.54
CA LYS B 69 35.82 17.85 -29.92
C LYS B 69 34.55 18.24 -30.66
N ALA B 70 33.53 17.41 -30.52
CA ALA B 70 32.24 17.64 -31.17
C ALA B 70 31.50 18.88 -30.68
N LEU B 71 31.55 19.15 -29.39
CA LEU B 71 30.86 20.31 -28.83
C LEU B 71 31.58 21.60 -29.22
N THR B 72 32.85 21.48 -29.59
CA THR B 72 33.62 22.64 -29.97
C THR B 72 33.92 22.74 -31.45
N ASP B 73 33.30 21.88 -32.25
CA ASP B 73 33.51 21.89 -33.69
C ASP B 73 33.17 23.25 -34.29
N ASP B 74 34.03 23.72 -35.19
CA ASP B 74 33.87 25.02 -35.85
C ASP B 74 32.46 25.24 -36.41
N GLU B 75 31.91 24.23 -37.08
CA GLU B 75 30.58 24.37 -37.68
C GLU B 75 29.47 23.56 -37.02
N PHE B 76 29.80 22.39 -36.49
CA PHE B 76 28.78 21.56 -35.89
C PHE B 76 28.75 21.62 -34.37
N GLY B 77 29.63 22.40 -33.77
CA GLY B 77 29.67 22.52 -32.33
C GLY B 77 28.83 23.67 -31.83
N VAL B 78 28.96 23.99 -30.54
CA VAL B 78 28.19 25.09 -29.98
C VAL B 78 28.98 25.95 -29.02
N ILE B 79 30.26 25.63 -28.84
CA ILE B 79 31.13 26.38 -27.95
C ILE B 79 32.58 26.40 -28.45
N LYS B 80 33.30 27.47 -28.14
CA LYS B 80 34.69 27.64 -28.55
C LYS B 80 35.63 26.73 -27.79
N ASP B 81 35.65 26.88 -26.47
CA ASP B 81 36.50 26.07 -25.60
C ASP B 81 35.74 25.34 -24.50
N MET B 82 36.32 24.23 -24.05
CA MET B 82 35.75 23.40 -23.01
C MET B 82 35.43 24.23 -21.77
N GLY B 83 35.93 25.46 -21.73
CA GLY B 83 35.70 26.32 -20.58
C GLY B 83 34.30 26.91 -20.49
N GLU B 84 33.52 26.81 -21.57
CA GLU B 84 32.16 27.33 -21.56
C GLU B 84 31.22 26.37 -20.85
N ILE B 85 31.68 25.14 -20.63
CA ILE B 85 30.87 24.14 -19.94
C ILE B 85 31.08 24.35 -18.44
N ASN B 86 30.21 25.17 -17.85
CA ASN B 86 30.25 25.52 -16.43
C ASN B 86 30.16 24.37 -15.44
N ALA B 87 29.26 23.43 -15.68
CA ALA B 87 29.12 22.30 -14.78
C ALA B 87 28.71 21.04 -15.55
N VAL B 88 28.79 19.89 -14.89
CA VAL B 88 28.42 18.63 -15.51
C VAL B 88 27.53 17.87 -14.53
N GLY B 89 26.39 17.41 -15.00
CA GLY B 89 25.49 16.67 -14.13
C GLY B 89 25.17 15.28 -14.64
N HIS B 90 25.31 14.29 -13.76
CA HIS B 90 25.03 12.90 -14.10
C HIS B 90 23.97 12.39 -13.10
N ARG B 91 23.03 11.56 -13.56
CA ARG B 91 22.00 11.05 -12.67
C ARG B 91 22.28 9.63 -12.19
N VAL B 92 22.00 9.39 -10.92
CA VAL B 92 22.17 8.08 -10.35
C VAL B 92 20.84 7.73 -9.70
N VAL B 93 20.22 6.67 -10.17
CA VAL B 93 18.93 6.29 -9.62
C VAL B 93 18.94 6.07 -8.10
N HIS B 94 19.78 5.17 -7.62
CA HIS B 94 19.81 4.92 -6.19
C HIS B 94 20.64 5.91 -5.36
N GLY B 95 19.98 6.67 -4.51
CA GLY B 95 20.66 7.64 -3.68
C GLY B 95 20.55 7.26 -2.21
N GLY B 96 19.64 6.35 -1.90
CA GLY B 96 19.45 5.91 -0.54
C GLY B 96 19.38 7.05 0.46
N GLU B 97 19.84 6.78 1.67
CA GLU B 97 19.87 7.77 2.74
C GLU B 97 21.08 8.66 2.50
N LYS B 98 21.56 9.32 3.56
CA LYS B 98 22.73 10.20 3.45
C LYS B 98 22.41 11.37 2.52
N PHE B 99 22.28 11.04 1.23
CA PHE B 99 22.01 12.01 0.18
C PHE B 99 20.57 12.53 0.19
N THR B 100 20.35 13.56 1.00
CA THR B 100 19.04 14.16 1.13
C THR B 100 18.97 15.24 0.06
N THR B 101 20.13 15.51 -0.54
CA THR B 101 20.27 16.51 -1.61
C THR B 101 21.35 16.02 -2.57
N SER B 102 21.43 16.63 -3.75
CA SER B 102 22.43 16.25 -4.74
C SER B 102 23.79 16.58 -4.12
N ALA B 103 24.81 15.81 -4.46
CA ALA B 103 26.14 16.03 -3.91
C ALA B 103 27.19 16.35 -4.99
N LEU B 104 28.03 17.34 -4.71
CA LEU B 104 29.08 17.75 -5.64
C LEU B 104 30.19 16.71 -5.57
N TYR B 105 30.23 15.82 -6.55
CA TYR B 105 31.21 14.74 -6.62
C TYR B 105 32.62 15.11 -6.15
N ASP B 106 33.18 14.22 -5.34
CA ASP B 106 34.52 14.35 -4.78
C ASP B 106 34.93 12.95 -4.33
N GLU B 107 35.76 12.87 -3.28
CA GLU B 107 36.20 11.56 -2.79
C GLU B 107 35.13 10.95 -1.89
N GLY B 108 34.58 11.76 -0.99
CA GLY B 108 33.55 11.30 -0.08
C GLY B 108 32.29 10.81 -0.77
N VAL B 109 31.70 11.66 -1.61
CA VAL B 109 30.47 11.33 -2.33
C VAL B 109 30.56 10.03 -3.10
N GLU B 110 31.78 9.62 -3.43
CA GLU B 110 31.94 8.37 -4.17
C GLU B 110 31.84 7.12 -3.29
N LYS B 111 32.26 7.25 -2.02
CA LYS B 111 32.21 6.16 -1.07
C LYS B 111 30.77 5.66 -0.87
N ALA B 112 29.88 6.54 -0.40
CA ALA B 112 28.48 6.19 -0.17
C ALA B 112 27.82 5.54 -1.39
N ILE B 113 28.28 5.89 -2.59
CA ILE B 113 27.73 5.33 -3.82
C ILE B 113 28.20 3.89 -3.99
N LYS B 114 29.43 3.62 -3.56
CA LYS B 114 29.99 2.29 -3.66
C LYS B 114 29.51 1.44 -2.47
N ASP B 115 29.36 2.10 -1.32
CA ASP B 115 28.89 1.44 -0.10
C ASP B 115 27.50 0.84 -0.27
N CYS B 116 26.61 1.59 -0.91
CA CYS B 116 25.23 1.15 -1.13
C CYS B 116 25.06 0.12 -2.25
N PHE B 117 25.58 -1.08 -2.04
CA PHE B 117 25.45 -2.16 -3.02
C PHE B 117 24.73 -3.36 -2.38
N GLU B 118 25.29 -3.88 -1.29
CA GLU B 118 24.70 -5.01 -0.58
C GLU B 118 23.71 -4.49 0.46
N LEU B 119 23.71 -3.17 0.66
CA LEU B 119 22.82 -2.54 1.63
C LEU B 119 21.50 -2.17 0.95
N ALA B 120 21.29 -2.69 -0.25
CA ALA B 120 20.08 -2.44 -1.02
C ALA B 120 19.98 -3.48 -2.13
N PRO B 121 18.76 -3.98 -2.38
CA PRO B 121 18.52 -5.00 -3.42
C PRO B 121 18.14 -4.42 -4.79
N LEU B 122 18.91 -3.45 -5.27
CA LEU B 122 18.67 -2.82 -6.58
C LEU B 122 19.37 -3.66 -7.65
N HIS B 123 18.83 -3.62 -8.87
CA HIS B 123 19.38 -4.42 -9.96
C HIS B 123 20.48 -3.77 -10.82
N ASN B 124 20.50 -2.45 -10.90
CA ASN B 124 21.50 -1.75 -11.69
C ASN B 124 22.35 -0.75 -10.91
N PRO B 125 23.42 -1.21 -10.24
CA PRO B 125 24.32 -0.34 -9.45
C PRO B 125 24.91 0.80 -10.29
N PRO B 126 25.19 1.95 -9.67
CA PRO B 126 25.76 3.13 -10.34
C PRO B 126 26.84 2.86 -11.39
N ASN B 127 26.54 3.19 -12.65
CA ASN B 127 27.50 3.01 -13.74
C ASN B 127 28.44 4.19 -13.68
N MET B 128 29.32 4.16 -12.67
CA MET B 128 30.29 5.22 -12.43
C MET B 128 31.25 5.46 -13.59
N MET B 129 31.20 4.59 -14.60
CA MET B 129 32.10 4.73 -15.74
C MET B 129 31.93 6.12 -16.39
N GLY B 130 30.77 6.73 -16.19
CA GLY B 130 30.54 8.04 -16.75
C GLY B 130 31.16 9.12 -15.88
N ILE B 131 30.90 9.05 -14.57
CA ILE B 131 31.44 10.01 -13.61
C ILE B 131 32.97 10.00 -13.60
N SER B 132 33.55 8.79 -13.60
CA SER B 132 35.00 8.63 -13.60
C SER B 132 35.63 9.43 -14.72
N ALA B 133 35.01 9.39 -15.90
CA ALA B 133 35.51 10.12 -17.05
C ALA B 133 35.74 11.59 -16.72
N CYS B 134 34.70 12.25 -16.20
CA CYS B 134 34.76 13.66 -15.82
C CYS B 134 35.91 13.95 -14.85
N ALA B 135 36.10 13.07 -13.89
CA ALA B 135 37.15 13.20 -12.89
C ALA B 135 38.46 13.74 -13.48
N GLU B 136 38.81 13.27 -14.69
CA GLU B 136 40.03 13.70 -15.36
C GLU B 136 39.82 14.65 -16.53
N ILE B 137 39.10 14.20 -17.56
CA ILE B 137 38.82 15.00 -18.74
C ILE B 137 38.49 16.46 -18.40
N MET B 138 37.75 16.65 -17.30
CA MET B 138 37.35 17.99 -16.85
C MET B 138 37.60 18.20 -15.36
N PRO B 139 38.85 18.56 -15.00
CA PRO B 139 39.26 18.80 -13.61
C PRO B 139 38.53 19.97 -12.94
N GLY B 140 39.00 21.19 -13.19
CA GLY B 140 38.40 22.36 -12.57
C GLY B 140 37.00 22.71 -13.04
N THR B 141 36.05 21.79 -12.86
CA THR B 141 34.67 22.02 -13.25
C THR B 141 33.72 21.24 -12.36
N PRO B 142 32.80 21.93 -11.66
CA PRO B 142 31.84 21.28 -10.78
C PRO B 142 31.11 20.11 -11.43
N MET B 143 31.23 18.93 -10.83
CA MET B 143 30.56 17.74 -11.34
C MET B 143 29.54 17.32 -10.28
N VAL B 144 28.27 17.53 -10.58
CA VAL B 144 27.18 17.20 -9.66
C VAL B 144 26.56 15.82 -9.89
N ILE B 145 26.19 15.16 -8.80
CA ILE B 145 25.55 13.84 -8.87
C ILE B 145 24.12 13.98 -8.38
N VAL B 146 23.16 13.83 -9.28
CA VAL B 146 21.76 13.97 -8.92
C VAL B 146 21.12 12.62 -8.64
N PHE B 147 20.66 12.43 -7.40
CA PHE B 147 20.03 11.19 -6.98
C PHE B 147 18.52 11.18 -7.16
N ASP B 148 18.02 10.10 -7.76
CA ASP B 148 16.59 9.95 -8.03
C ASP B 148 15.76 9.64 -6.78
N THR B 149 16.42 9.51 -5.63
CA THR B 149 15.70 9.24 -4.39
C THR B 149 15.75 10.42 -3.42
N ALA B 150 16.63 11.40 -3.67
CA ALA B 150 16.77 12.55 -2.77
C ALA B 150 15.48 13.35 -2.55
N PHE B 151 14.81 13.69 -3.63
CA PHE B 151 13.59 14.46 -3.54
C PHE B 151 12.60 13.98 -2.47
N HIS B 152 12.66 12.70 -2.11
CA HIS B 152 11.72 12.19 -1.13
C HIS B 152 12.26 12.24 0.31
N GLN B 153 13.48 12.74 0.47
CA GLN B 153 14.04 12.80 1.81
C GLN B 153 13.33 13.79 2.73
N THR B 154 12.23 14.37 2.26
CA THR B 154 11.42 15.31 3.06
C THR B 154 10.27 14.56 3.76
N MET B 155 10.12 13.28 3.47
CA MET B 155 9.05 12.47 4.07
C MET B 155 9.19 12.34 5.58
N PRO B 156 8.08 12.52 6.32
CA PRO B 156 8.15 12.40 7.76
C PRO B 156 8.36 10.93 8.19
N PRO B 157 8.81 10.70 9.44
CA PRO B 157 9.04 9.35 9.96
C PRO B 157 7.85 8.40 9.91
N TYR B 158 6.66 8.90 10.24
CA TYR B 158 5.49 8.02 10.26
C TYR B 158 5.07 7.56 8.87
N ALA B 159 5.78 8.05 7.86
CA ALA B 159 5.50 7.72 6.46
C ALA B 159 6.58 6.85 5.84
N TYR B 160 7.84 7.14 6.11
CA TYR B 160 8.90 6.35 5.53
C TYR B 160 9.24 5.12 6.36
N MET B 161 8.71 5.01 7.56
CA MET B 161 9.01 3.83 8.35
C MET B 161 7.96 2.77 8.04
N TYR B 162 8.38 1.51 8.11
CA TYR B 162 7.49 0.39 7.87
C TYR B 162 7.06 -0.15 9.24
N ALA B 163 5.89 -0.77 9.30
CA ALA B 163 5.40 -1.30 10.57
C ALA B 163 6.04 -2.67 10.79
N LEU B 164 7.37 -2.68 10.73
CA LEU B 164 8.18 -3.90 10.94
C LEU B 164 9.03 -3.67 12.19
N PRO B 165 9.76 -4.70 12.65
CA PRO B 165 10.59 -4.48 13.86
C PRO B 165 11.53 -3.31 13.60
N TYR B 166 11.62 -2.41 14.60
CA TYR B 166 12.45 -1.22 14.49
C TYR B 166 13.92 -1.54 14.19
N ASP B 167 14.44 -2.62 14.74
CA ASP B 167 15.85 -3.00 14.53
C ASP B 167 16.20 -3.08 13.05
N LEU B 168 15.24 -3.40 12.20
CA LEU B 168 15.50 -3.53 10.75
C LEU B 168 15.87 -2.18 10.14
N TYR B 169 15.21 -1.14 10.58
CA TYR B 169 15.48 0.20 10.06
C TYR B 169 16.80 0.70 10.62
N GLU B 170 17.05 0.40 11.88
CA GLU B 170 18.24 0.85 12.58
C GLU B 170 19.54 0.12 12.21
N LYS B 171 19.43 -1.16 11.89
CA LYS B 171 20.62 -1.93 11.57
C LYS B 171 20.75 -2.38 10.10
N HIS B 172 19.68 -2.22 9.33
CA HIS B 172 19.71 -2.61 7.92
C HIS B 172 19.18 -1.53 6.98
N GLY B 173 18.78 -0.39 7.55
CA GLY B 173 18.28 0.70 6.74
C GLY B 173 16.93 0.50 6.04
N VAL B 174 16.15 -0.48 6.47
CA VAL B 174 14.86 -0.72 5.85
C VAL B 174 13.83 0.41 6.07
N ARG B 175 13.60 1.18 5.00
CA ARG B 175 12.66 2.28 5.06
C ARG B 175 12.21 2.63 3.64
N LYS B 176 11.25 3.54 3.51
CA LYS B 176 10.79 3.92 2.20
C LYS B 176 11.67 5.06 1.65
N TYR B 177 12.25 4.85 0.47
CA TYR B 177 13.12 5.84 -0.17
C TYR B 177 12.42 6.53 -1.33
N GLY B 178 11.80 5.75 -2.20
CA GLY B 178 11.11 6.31 -3.32
C GLY B 178 12.03 6.68 -4.48
N PHE B 179 11.48 6.68 -5.68
CA PHE B 179 12.26 7.00 -6.86
C PHE B 179 11.53 7.96 -7.81
N HIS B 180 12.15 8.22 -8.97
CA HIS B 180 11.60 9.13 -9.98
C HIS B 180 11.58 10.57 -9.44
N GLY B 181 12.37 10.78 -8.39
CA GLY B 181 12.47 12.08 -7.74
C GLY B 181 12.60 13.26 -8.66
N THR B 182 13.53 13.19 -9.60
CA THR B 182 13.76 14.26 -10.54
C THR B 182 12.56 14.56 -11.40
N SER B 183 11.87 13.51 -11.85
CA SER B 183 10.70 13.67 -12.70
C SER B 183 9.52 14.23 -11.92
N HIS B 184 9.26 13.65 -10.76
CA HIS B 184 8.16 14.14 -9.94
C HIS B 184 8.39 15.60 -9.58
N LYS B 185 9.62 15.94 -9.23
CA LYS B 185 9.93 17.32 -8.88
C LYS B 185 9.76 18.24 -10.08
N TYR B 186 10.30 17.85 -11.23
CA TYR B 186 10.21 18.64 -12.44
C TYR B 186 8.74 18.96 -12.75
N VAL B 187 7.89 17.94 -12.83
CA VAL B 187 6.50 18.16 -13.15
C VAL B 187 5.73 18.87 -12.04
N ALA B 188 6.19 18.69 -10.81
CA ALA B 188 5.57 19.36 -9.67
C ALA B 188 5.84 20.87 -9.77
N GLU B 189 7.03 21.24 -10.28
CA GLU B 189 7.36 22.65 -10.44
C GLU B 189 6.53 23.25 -11.58
N ARG B 190 6.40 22.49 -12.66
CA ARG B 190 5.62 22.93 -13.81
C ARG B 190 4.15 23.13 -13.43
N ALA B 191 3.64 22.24 -12.57
CA ALA B 191 2.26 22.33 -12.14
C ALA B 191 1.96 23.61 -11.35
N ALA B 192 2.91 24.03 -10.52
CA ALA B 192 2.71 25.23 -9.74
C ALA B 192 2.61 26.44 -10.67
N LEU B 193 3.43 26.47 -11.71
CA LEU B 193 3.36 27.57 -12.65
C LEU B 193 1.99 27.58 -13.33
N MET B 194 1.48 26.39 -13.65
CA MET B 194 0.19 26.31 -14.30
C MET B 194 -0.96 26.71 -13.36
N LEU B 195 -0.78 26.52 -12.05
CA LEU B 195 -1.80 26.89 -11.09
C LEU B 195 -1.74 28.41 -10.83
N GLY B 196 -0.69 29.04 -11.33
CA GLY B 196 -0.53 30.48 -11.14
C GLY B 196 -0.29 30.91 -9.71
N LYS B 197 0.37 30.06 -8.93
CA LYS B 197 0.66 30.36 -7.53
C LYS B 197 2.07 29.89 -7.15
N PRO B 198 2.62 30.41 -6.04
CA PRO B 198 3.96 29.97 -5.63
C PRO B 198 3.88 28.50 -5.30
N ALA B 199 4.94 27.74 -5.60
CA ALA B 199 4.93 26.31 -5.31
C ALA B 199 4.55 26.04 -3.87
N GLU B 200 5.06 26.89 -2.98
CA GLU B 200 4.81 26.76 -1.56
C GLU B 200 3.35 26.65 -1.16
N GLU B 201 2.48 27.30 -1.92
CA GLU B 201 1.04 27.31 -1.64
C GLU B 201 0.25 26.33 -2.48
N THR B 202 0.93 25.34 -3.03
CA THR B 202 0.27 24.35 -3.86
C THR B 202 0.45 22.93 -3.33
N LYS B 203 -0.60 22.12 -3.48
CA LYS B 203 -0.62 20.71 -3.08
C LYS B 203 -0.88 19.93 -4.37
N ILE B 204 0.12 19.17 -4.83
CA ILE B 204 0.00 18.46 -6.10
C ILE B 204 0.23 16.97 -6.10
N ILE B 205 -0.57 16.24 -6.87
CA ILE B 205 -0.38 14.78 -6.97
C ILE B 205 0.27 14.48 -8.32
N THR B 206 1.55 14.11 -8.30
CA THR B 206 2.28 13.82 -9.53
C THR B 206 2.25 12.34 -9.92
N CYS B 207 1.96 12.07 -11.18
CA CYS B 207 1.90 10.69 -11.64
C CYS B 207 2.88 10.38 -12.78
N HIS B 208 3.86 9.54 -12.47
CA HIS B 208 4.88 9.12 -13.43
C HIS B 208 4.49 7.71 -13.90
N LEU B 209 3.91 7.64 -15.09
CA LEU B 209 3.47 6.37 -15.64
C LEU B 209 4.29 5.90 -16.84
N GLY B 210 5.16 4.92 -16.59
CA GLY B 210 6.02 4.36 -17.62
C GLY B 210 6.21 2.87 -17.40
N ASN B 211 7.30 2.28 -17.91
CA ASN B 211 7.49 0.85 -17.70
C ASN B 211 7.42 0.59 -16.23
N GLY B 212 7.93 1.58 -15.48
CA GLY B 212 7.92 1.54 -14.03
C GLY B 212 7.07 2.72 -13.61
N SER B 213 6.23 2.57 -12.61
CA SER B 213 5.41 3.69 -12.24
C SER B 213 5.38 4.01 -10.76
N SER B 214 5.20 5.29 -10.45
CA SER B 214 5.12 5.74 -9.07
C SER B 214 4.32 7.05 -8.96
N ILE B 215 3.72 7.26 -7.79
CA ILE B 215 2.92 8.45 -7.50
C ILE B 215 3.52 9.17 -6.29
N THR B 216 3.54 10.50 -6.33
CA THR B 216 4.10 11.25 -5.21
C THR B 216 3.18 12.37 -4.76
N ALA B 217 2.99 12.49 -3.45
CA ALA B 217 2.15 13.55 -2.90
C ALA B 217 3.06 14.76 -2.67
N VAL B 218 2.84 15.84 -3.41
CA VAL B 218 3.68 17.04 -3.26
C VAL B 218 2.96 18.15 -2.48
N GLU B 219 3.48 18.46 -1.31
CA GLU B 219 2.91 19.48 -0.44
C GLU B 219 3.84 20.67 -0.29
N GLY B 220 3.43 21.79 -0.89
CA GLY B 220 4.22 23.00 -0.82
C GLY B 220 5.59 22.78 -1.44
N GLY B 221 5.60 22.18 -2.62
CA GLY B 221 6.85 21.94 -3.32
C GLY B 221 7.78 20.89 -2.76
N LYS B 222 7.33 20.12 -1.77
CA LYS B 222 8.19 19.07 -1.22
C LYS B 222 7.48 17.74 -1.16
N SER B 223 8.23 16.68 -1.42
CA SER B 223 7.66 15.33 -1.38
C SER B 223 7.37 14.91 0.05
N VAL B 224 6.15 14.46 0.29
CA VAL B 224 5.75 14.03 1.62
C VAL B 224 5.33 12.57 1.63
N GLU B 225 5.14 12.01 0.45
CA GLU B 225 4.70 10.62 0.33
C GLU B 225 4.90 10.14 -1.11
N THR B 226 5.19 8.86 -1.28
CA THR B 226 5.42 8.35 -2.62
C THR B 226 5.08 6.85 -2.67
N SER B 227 4.70 6.33 -3.83
CA SER B 227 4.27 4.92 -3.92
C SER B 227 5.36 3.87 -3.82
N MET B 228 6.51 4.10 -4.45
CA MET B 228 7.61 3.14 -4.37
C MET B 228 8.15 3.27 -2.95
N GLY B 229 8.99 2.32 -2.55
CA GLY B 229 9.53 2.40 -1.21
C GLY B 229 10.98 2.01 -1.13
N PHE B 230 11.23 0.99 -0.32
CA PHE B 230 12.57 0.48 -0.11
C PHE B 230 13.17 0.16 -1.48
N THR B 231 12.35 -0.33 -2.40
CA THR B 231 12.79 -0.64 -3.76
C THR B 231 11.75 -0.14 -4.76
N PRO B 232 12.06 -0.21 -6.07
CA PRO B 232 11.10 0.24 -7.08
C PRO B 232 9.94 -0.73 -7.21
N LEU B 233 9.99 -1.82 -6.44
CA LEU B 233 8.93 -2.84 -6.52
C LEU B 233 7.61 -2.42 -5.87
N GLU B 234 7.69 -1.69 -4.77
CA GLU B 234 6.48 -1.27 -4.09
C GLU B 234 5.67 -0.21 -4.81
N GLY B 235 4.35 -0.29 -4.65
CA GLY B 235 3.50 0.69 -5.27
C GLY B 235 2.52 0.10 -6.26
N LEU B 236 2.40 0.76 -7.41
CA LEU B 236 1.49 0.33 -8.45
C LEU B 236 1.96 -0.90 -9.23
N ALA B 237 1.04 -1.49 -9.99
CA ALA B 237 1.42 -2.61 -10.81
C ALA B 237 2.07 -1.84 -11.97
N MET B 238 3.14 -2.40 -12.54
CA MET B 238 3.85 -1.73 -13.62
C MET B 238 4.02 -2.64 -14.84
N GLY B 239 4.92 -2.30 -15.76
CA GLY B 239 5.10 -3.15 -16.94
C GLY B 239 5.36 -4.61 -16.57
N THR B 240 6.31 -4.84 -15.66
CA THR B 240 6.63 -6.18 -15.24
C THR B 240 6.63 -6.39 -13.73
N ARG B 241 6.36 -5.32 -12.98
CA ARG B 241 6.33 -5.39 -11.52
C ARG B 241 4.92 -5.58 -10.96
N CYS B 242 4.80 -6.37 -9.89
CA CYS B 242 3.53 -6.64 -9.24
C CYS B 242 3.08 -5.50 -8.32
N GLY B 243 4.05 -4.82 -7.71
CA GLY B 243 3.72 -3.72 -6.80
C GLY B 243 3.37 -4.21 -5.40
N SER B 244 2.65 -3.42 -4.63
CA SER B 244 2.29 -3.82 -3.27
C SER B 244 1.23 -4.89 -3.22
N ILE B 245 1.67 -6.12 -2.98
CA ILE B 245 0.77 -7.26 -2.85
C ILE B 245 0.83 -7.70 -1.41
N ASP B 246 0.09 -8.74 -1.07
CA ASP B 246 0.10 -9.27 0.28
C ASP B 246 1.49 -9.86 0.48
N PRO B 247 2.25 -9.38 1.48
CA PRO B 247 3.60 -9.93 1.69
C PRO B 247 3.63 -11.44 1.91
N ALA B 248 2.55 -11.99 2.46
CA ALA B 248 2.48 -13.43 2.77
C ALA B 248 2.59 -14.27 1.52
N ILE B 249 2.27 -13.67 0.39
CA ILE B 249 2.32 -14.36 -0.89
C ILE B 249 3.77 -14.75 -1.24
N VAL B 250 4.73 -13.90 -0.90
CA VAL B 250 6.14 -14.18 -1.22
C VAL B 250 6.62 -15.50 -0.63
N PRO B 251 6.59 -15.63 0.71
CA PRO B 251 7.05 -16.89 1.29
C PRO B 251 6.17 -18.04 0.79
N PHE B 252 4.90 -17.76 0.53
CA PHE B 252 3.98 -18.79 0.05
C PHE B 252 4.44 -19.35 -1.31
N LEU B 253 4.68 -18.45 -2.26
CA LEU B 253 5.10 -18.81 -3.61
C LEU B 253 6.42 -19.57 -3.55
N MET B 254 7.36 -19.08 -2.74
CA MET B 254 8.66 -19.73 -2.62
C MET B 254 8.49 -21.17 -2.14
N GLU B 255 7.43 -21.41 -1.38
CA GLU B 255 7.20 -22.75 -0.86
C GLU B 255 6.54 -23.66 -1.87
N LYS B 256 5.45 -23.18 -2.44
CA LYS B 256 4.71 -23.94 -3.41
C LYS B 256 5.51 -24.21 -4.68
N GLU B 257 6.24 -23.21 -5.17
CA GLU B 257 7.03 -23.35 -6.39
C GLU B 257 8.48 -23.76 -6.11
N GLY B 258 8.87 -23.85 -4.84
CA GLY B 258 10.24 -24.20 -4.53
C GLY B 258 11.20 -23.25 -5.22
N LEU B 259 11.12 -21.97 -4.87
CA LEU B 259 11.98 -20.94 -5.48
C LEU B 259 13.06 -20.49 -4.52
N THR B 260 14.04 -19.79 -5.07
CA THR B 260 15.14 -19.27 -4.26
C THR B 260 14.83 -17.80 -4.02
N THR B 261 15.60 -17.16 -3.13
CA THR B 261 15.34 -15.76 -2.84
C THR B 261 15.52 -14.97 -4.13
N ARG B 262 16.64 -15.17 -4.83
CA ARG B 262 16.85 -14.44 -6.07
C ARG B 262 15.80 -14.74 -7.13
N GLU B 263 15.27 -15.95 -7.11
CA GLU B 263 14.25 -16.31 -8.08
C GLU B 263 12.93 -15.55 -7.85
N ILE B 264 12.40 -15.59 -6.63
CA ILE B 264 11.14 -14.92 -6.31
C ILE B 264 11.20 -13.42 -6.61
N ASP B 265 12.37 -12.82 -6.42
CA ASP B 265 12.53 -11.41 -6.70
C ASP B 265 12.42 -11.14 -8.21
N THR B 266 12.94 -12.07 -9.02
CA THR B 266 12.88 -11.94 -10.46
C THR B 266 11.42 -12.08 -10.92
N LEU B 267 10.69 -12.98 -10.29
CA LEU B 267 9.30 -13.19 -10.64
C LEU B 267 8.43 -11.95 -10.39
N MET B 268 8.69 -11.23 -9.31
CA MET B 268 7.91 -10.04 -8.98
C MET B 268 8.32 -8.77 -9.75
N ASN B 269 9.60 -8.68 -10.11
CA ASN B 269 10.12 -7.52 -10.81
C ASN B 269 10.14 -7.64 -12.33
N LYS B 270 10.19 -8.85 -12.84
CA LYS B 270 10.28 -9.01 -14.29
C LYS B 270 9.28 -9.92 -14.97
N LYS B 271 8.65 -10.81 -14.21
CA LYS B 271 7.67 -11.73 -14.78
C LYS B 271 6.25 -11.38 -14.37
N SER B 272 6.09 -10.30 -13.63
CA SER B 272 4.79 -9.87 -13.14
C SER B 272 4.24 -8.65 -13.90
N GLY B 273 3.52 -7.78 -13.20
CA GLY B 273 2.98 -6.58 -13.82
C GLY B 273 1.89 -6.83 -14.86
N VAL B 274 1.74 -5.91 -15.80
CA VAL B 274 0.75 -6.08 -16.85
C VAL B 274 1.16 -7.24 -17.75
N LEU B 275 2.45 -7.55 -17.76
CA LEU B 275 2.96 -8.66 -18.57
C LEU B 275 2.44 -9.97 -17.99
N GLY B 276 2.62 -10.15 -16.69
CA GLY B 276 2.17 -11.37 -16.04
C GLY B 276 0.67 -11.62 -16.13
N VAL B 277 -0.12 -10.56 -16.02
CA VAL B 277 -1.58 -10.69 -16.09
C VAL B 277 -2.08 -11.03 -17.49
N SER B 278 -1.75 -10.18 -18.45
CA SER B 278 -2.16 -10.37 -19.83
C SER B 278 -1.47 -11.55 -20.48
N GLY B 279 -0.25 -11.83 -20.03
CA GLY B 279 0.53 -12.90 -20.60
C GLY B 279 0.84 -12.61 -22.07
N LEU B 280 0.80 -11.33 -22.42
CA LEU B 280 1.05 -10.90 -23.78
C LEU B 280 2.30 -10.02 -23.91
N SER B 281 2.27 -8.86 -23.27
CA SER B 281 3.38 -7.91 -23.34
C SER B 281 3.47 -6.98 -22.13
N ASN B 282 4.65 -6.41 -21.90
CA ASN B 282 4.83 -5.48 -20.80
C ASN B 282 4.62 -4.09 -21.39
N ASP B 283 4.39 -4.04 -22.70
CA ASP B 283 4.17 -2.77 -23.39
C ASP B 283 2.70 -2.39 -23.37
N PHE B 284 2.37 -1.25 -22.75
CA PHE B 284 0.99 -0.81 -22.65
C PHE B 284 0.37 -0.47 -24.00
N ARG B 285 1.12 0.20 -24.85
CA ARG B 285 0.58 0.55 -26.17
C ARG B 285 0.08 -0.71 -26.89
N ASP B 286 0.84 -1.80 -26.83
CA ASP B 286 0.41 -3.04 -27.49
C ASP B 286 -0.78 -3.66 -26.75
N LEU B 287 -0.80 -3.51 -25.43
CA LEU B 287 -1.89 -4.05 -24.63
C LEU B 287 -3.17 -3.25 -24.85
N ASP B 288 -3.01 -1.96 -25.10
CA ASP B 288 -4.17 -1.11 -25.35
C ASP B 288 -4.86 -1.63 -26.61
N GLU B 289 -4.07 -1.98 -27.62
CA GLU B 289 -4.63 -2.52 -28.86
C GLU B 289 -5.32 -3.85 -28.57
N ALA B 290 -4.55 -4.87 -28.20
CA ALA B 290 -5.08 -6.19 -27.89
C ALA B 290 -6.38 -6.11 -27.10
N ALA B 291 -6.41 -5.15 -26.18
CA ALA B 291 -7.56 -4.94 -25.33
C ALA B 291 -8.81 -4.64 -26.15
N SER B 292 -8.75 -3.57 -26.91
CA SER B 292 -9.87 -3.15 -27.75
C SER B 292 -10.18 -4.21 -28.81
N LYS B 293 -9.30 -5.20 -28.94
CA LYS B 293 -9.48 -6.26 -29.91
C LYS B 293 -10.09 -7.48 -29.28
N GLY B 294 -10.57 -7.32 -28.04
CA GLY B 294 -11.22 -8.43 -27.34
C GLY B 294 -10.36 -9.38 -26.54
N ASN B 295 -9.13 -8.96 -26.26
CA ASN B 295 -8.25 -9.82 -25.49
C ASN B 295 -8.54 -9.63 -24.00
N ARG B 296 -9.16 -10.64 -23.39
CA ARG B 296 -9.51 -10.58 -21.98
C ARG B 296 -8.33 -10.23 -21.07
N LYS B 297 -7.35 -11.12 -20.97
CA LYS B 297 -6.17 -10.89 -20.15
C LYS B 297 -5.61 -9.49 -20.38
N ALA B 298 -5.66 -9.01 -21.61
CA ALA B 298 -5.14 -7.68 -21.92
C ALA B 298 -6.00 -6.61 -21.26
N GLU B 299 -7.31 -6.72 -21.44
CA GLU B 299 -8.26 -5.79 -20.85
C GLU B 299 -8.07 -5.82 -19.32
N LEU B 300 -8.01 -7.03 -18.75
CA LEU B 300 -7.84 -7.17 -17.32
C LEU B 300 -6.59 -6.48 -16.80
N ALA B 301 -5.50 -6.56 -17.53
CA ALA B 301 -4.28 -5.93 -17.08
C ALA B 301 -4.41 -4.41 -17.09
N LEU B 302 -5.19 -3.84 -18.01
CA LEU B 302 -5.34 -2.40 -18.04
C LEU B 302 -6.26 -1.90 -16.92
N GLU B 303 -7.26 -2.70 -16.58
CA GLU B 303 -8.20 -2.31 -15.53
C GLU B 303 -7.48 -2.25 -14.17
N ILE B 304 -6.67 -3.27 -13.90
CA ILE B 304 -5.88 -3.39 -12.69
C ILE B 304 -4.91 -2.21 -12.57
N PHE B 305 -4.25 -1.90 -13.68
CA PHE B 305 -3.31 -0.80 -13.69
C PHE B 305 -3.97 0.54 -13.45
N ALA B 306 -5.04 0.86 -14.19
CA ALA B 306 -5.71 2.14 -14.02
C ALA B 306 -6.36 2.25 -12.65
N TYR B 307 -6.95 1.14 -12.21
CA TYR B 307 -7.62 1.11 -10.93
C TYR B 307 -6.65 1.46 -9.82
N LYS B 308 -5.51 0.77 -9.80
CA LYS B 308 -4.50 1.03 -8.80
C LYS B 308 -4.13 2.49 -8.79
N VAL B 309 -3.83 3.04 -9.94
CA VAL B 309 -3.46 4.44 -9.99
C VAL B 309 -4.57 5.29 -9.36
N LYS B 310 -5.82 4.99 -9.70
CA LYS B 310 -6.92 5.74 -9.13
C LYS B 310 -6.87 5.64 -7.60
N LYS B 311 -6.74 4.43 -7.07
CA LYS B 311 -6.68 4.24 -5.62
C LYS B 311 -5.62 5.15 -5.01
N PHE B 312 -4.49 5.31 -5.69
CA PHE B 312 -3.45 6.19 -5.20
C PHE B 312 -3.81 7.67 -5.25
N ILE B 313 -4.66 8.06 -6.19
CA ILE B 313 -5.03 9.47 -6.28
C ILE B 313 -5.86 9.89 -5.07
N GLY B 314 -6.75 8.99 -4.64
CA GLY B 314 -7.59 9.26 -3.49
C GLY B 314 -6.81 9.13 -2.20
N GLU B 315 -5.88 8.19 -2.20
CA GLU B 315 -5.02 7.94 -1.05
C GLU B 315 -4.21 9.19 -0.78
N TYR B 316 -3.69 9.80 -1.84
CA TYR B 316 -2.91 11.00 -1.65
C TYR B 316 -3.75 12.26 -1.50
N SER B 317 -5.05 12.10 -1.68
CA SER B 317 -5.97 13.22 -1.53
C SER B 317 -6.18 13.42 -0.04
N ALA B 318 -6.04 12.32 0.70
CA ALA B 318 -6.19 12.34 2.14
C ALA B 318 -4.87 12.78 2.76
N VAL B 319 -3.76 12.36 2.18
CA VAL B 319 -2.47 12.74 2.70
C VAL B 319 -2.27 14.24 2.62
N LEU B 320 -2.63 14.81 1.47
CA LEU B 320 -2.51 16.25 1.28
C LEU B 320 -3.75 17.01 1.73
N ASN B 321 -4.70 16.31 2.35
CA ASN B 321 -5.94 16.96 2.79
C ASN B 321 -6.44 17.82 1.63
N GLY B 322 -6.71 17.18 0.50
CA GLY B 322 -7.19 17.90 -0.67
C GLY B 322 -6.09 18.38 -1.61
N ALA B 323 -6.14 17.90 -2.85
CA ALA B 323 -5.15 18.29 -3.83
C ALA B 323 -5.67 19.39 -4.77
N ASP B 324 -4.79 20.28 -5.22
CA ASP B 324 -5.18 21.34 -6.13
C ASP B 324 -5.10 20.82 -7.57
N ALA B 325 -4.16 19.92 -7.83
CA ALA B 325 -4.03 19.38 -9.16
C ALA B 325 -3.35 18.02 -9.16
N VAL B 326 -3.64 17.26 -10.21
CA VAL B 326 -3.08 15.93 -10.42
C VAL B 326 -2.32 16.05 -11.74
N VAL B 327 -1.09 15.57 -11.74
CA VAL B 327 -0.21 15.63 -12.91
C VAL B 327 0.07 14.24 -13.48
N PHE B 328 0.06 14.14 -14.79
CA PHE B 328 0.34 12.89 -15.48
C PHE B 328 1.55 13.10 -16.38
N THR B 329 2.60 12.31 -16.14
CA THR B 329 3.80 12.44 -16.93
C THR B 329 4.34 11.06 -17.30
N ALA B 330 5.49 11.03 -17.95
CA ALA B 330 6.14 9.81 -18.42
C ALA B 330 5.37 9.23 -19.62
N GLY B 331 5.96 8.23 -20.26
CA GLY B 331 5.38 7.63 -21.45
C GLY B 331 3.89 7.36 -21.50
N ILE B 332 3.37 6.61 -20.53
CA ILE B 332 1.95 6.31 -20.52
C ILE B 332 1.18 7.58 -20.18
N GLY B 333 1.72 8.34 -19.23
CA GLY B 333 1.06 9.56 -18.80
C GLY B 333 1.01 10.70 -19.79
N GLU B 334 1.95 10.73 -20.71
CA GLU B 334 2.02 11.78 -21.71
C GLU B 334 1.28 11.46 -23.00
N ASN B 335 1.33 10.19 -23.42
CA ASN B 335 0.72 9.81 -24.68
C ASN B 335 -0.50 8.90 -24.64
N SER B 336 -1.00 8.53 -23.47
CA SER B 336 -2.16 7.65 -23.47
C SER B 336 -3.46 8.24 -22.96
N ALA B 337 -4.22 8.81 -23.87
CA ALA B 337 -5.50 9.41 -23.53
C ALA B 337 -6.48 8.28 -23.25
N SER B 338 -6.04 7.06 -23.49
CA SER B 338 -6.86 5.87 -23.26
C SER B 338 -6.81 5.52 -21.79
N ILE B 339 -5.60 5.28 -21.29
CA ILE B 339 -5.42 4.93 -19.90
C ILE B 339 -5.77 6.08 -18.96
N ARG B 340 -5.39 7.31 -19.32
CA ARG B 340 -5.71 8.46 -18.48
C ARG B 340 -7.22 8.51 -18.26
N LYS B 341 -7.96 8.03 -19.25
CA LYS B 341 -9.41 8.02 -19.15
C LYS B 341 -9.85 6.93 -18.17
N ARG B 342 -9.23 5.76 -18.27
CA ARG B 342 -9.56 4.65 -17.37
C ARG B 342 -9.30 5.08 -15.92
N ILE B 343 -8.22 5.83 -15.73
CA ILE B 343 -7.79 6.30 -14.42
C ILE B 343 -8.67 7.39 -13.82
N LEU B 344 -8.96 8.43 -14.60
CA LEU B 344 -9.74 9.56 -14.11
C LEU B 344 -11.27 9.46 -14.07
N THR B 345 -11.84 8.52 -14.81
CA THR B 345 -13.29 8.37 -14.83
C THR B 345 -13.85 7.94 -13.49
N GLY B 346 -15.01 8.48 -13.15
CA GLY B 346 -15.64 8.13 -11.89
C GLY B 346 -15.01 8.77 -10.67
N LEU B 347 -14.49 9.99 -10.81
CA LEU B 347 -13.86 10.67 -9.68
C LEU B 347 -14.41 12.06 -9.43
N ASP B 348 -15.56 12.36 -10.02
CA ASP B 348 -16.16 13.67 -9.80
C ASP B 348 -16.51 13.80 -8.32
N GLY B 349 -16.64 12.66 -7.64
CA GLY B 349 -16.94 12.67 -6.23
C GLY B 349 -15.84 13.31 -5.40
N ILE B 350 -14.60 13.30 -5.90
CA ILE B 350 -13.50 13.92 -5.18
C ILE B 350 -12.98 15.13 -5.93
N GLY B 351 -13.86 15.67 -6.76
CA GLY B 351 -13.56 16.88 -7.52
C GLY B 351 -12.73 16.76 -8.78
N ILE B 352 -12.65 15.57 -9.37
CA ILE B 352 -11.85 15.39 -10.59
C ILE B 352 -12.73 15.12 -11.80
N LYS B 353 -12.51 15.89 -12.87
CA LYS B 353 -13.25 15.72 -14.11
C LYS B 353 -12.31 16.01 -15.27
N ILE B 354 -12.57 15.43 -16.43
CA ILE B 354 -11.72 15.66 -17.58
C ILE B 354 -12.49 15.94 -18.87
N ASP B 355 -11.88 16.77 -19.73
CA ASP B 355 -12.48 17.14 -21.00
C ASP B 355 -11.95 16.18 -22.05
N ASP B 356 -12.83 15.28 -22.49
CA ASP B 356 -12.46 14.29 -23.49
C ASP B 356 -11.73 14.87 -24.68
N GLU B 357 -12.21 16.01 -25.18
CA GLU B 357 -11.56 16.63 -26.31
C GLU B 357 -10.15 17.11 -25.99
N LYS B 358 -9.96 17.69 -24.82
CA LYS B 358 -8.63 18.18 -24.45
C LYS B 358 -7.72 17.04 -24.06
N ASN B 359 -8.31 15.89 -23.74
CA ASN B 359 -7.52 14.73 -23.36
C ASN B 359 -6.95 13.98 -24.55
N LYS B 360 -7.36 14.36 -25.76
CA LYS B 360 -6.88 13.68 -26.96
C LYS B 360 -5.48 14.17 -27.34
N ILE B 361 -5.13 15.37 -26.90
CA ILE B 361 -3.84 15.94 -27.22
C ILE B 361 -2.67 15.15 -26.61
N ARG B 362 -1.64 14.88 -27.41
CA ARG B 362 -0.47 14.14 -26.93
C ARG B 362 0.73 15.06 -26.68
N GLY B 363 1.58 14.63 -25.75
CA GLY B 363 2.78 15.37 -25.39
C GLY B 363 2.70 16.88 -25.46
N GLN B 364 2.29 17.52 -24.36
CA GLN B 364 2.22 18.99 -24.28
C GLN B 364 1.55 19.46 -22.98
N GLU B 365 2.15 20.46 -22.34
CA GLU B 365 1.58 20.96 -21.10
C GLU B 365 0.18 21.48 -21.37
N ILE B 366 -0.80 20.90 -20.68
CA ILE B 366 -2.18 21.31 -20.88
C ILE B 366 -3.07 20.78 -19.76
N ASP B 367 -4.10 21.56 -19.46
CA ASP B 367 -5.05 21.22 -18.44
C ASP B 367 -6.21 20.51 -19.12
N ILE B 368 -6.24 19.18 -19.02
CA ILE B 368 -7.29 18.41 -19.67
C ILE B 368 -8.59 18.31 -18.89
N SER B 369 -8.60 18.85 -17.66
CA SER B 369 -9.79 18.80 -16.82
C SER B 369 -10.86 19.76 -17.35
N THR B 370 -12.07 19.66 -16.78
CA THR B 370 -13.16 20.54 -17.18
C THR B 370 -12.98 21.83 -16.38
N PRO B 371 -13.61 22.93 -16.85
CA PRO B 371 -13.51 24.24 -16.17
C PRO B 371 -14.26 24.28 -14.84
N ASP B 372 -15.23 23.39 -14.66
CA ASP B 372 -16.00 23.35 -13.41
C ASP B 372 -15.37 22.42 -12.37
N ALA B 373 -14.40 21.61 -12.79
CA ALA B 373 -13.75 20.70 -11.87
C ALA B 373 -12.95 21.47 -10.83
N LYS B 374 -13.02 21.00 -9.59
CA LYS B 374 -12.32 21.65 -8.49
C LYS B 374 -10.82 21.31 -8.49
N VAL B 375 -10.47 20.14 -8.99
CA VAL B 375 -9.08 19.70 -9.05
C VAL B 375 -8.56 19.80 -10.49
N ARG B 376 -7.49 20.56 -10.68
CA ARG B 376 -6.92 20.70 -12.01
C ARG B 376 -6.20 19.39 -12.38
N VAL B 377 -6.30 18.98 -13.63
CA VAL B 377 -5.63 17.77 -14.10
C VAL B 377 -4.73 18.16 -15.27
N PHE B 378 -3.44 18.29 -15.00
CA PHE B 378 -2.51 18.71 -16.03
C PHE B 378 -1.75 17.58 -16.69
N VAL B 379 -1.40 17.79 -17.95
CA VAL B 379 -0.60 16.82 -18.68
C VAL B 379 0.71 17.54 -18.90
N ILE B 380 1.76 17.11 -18.19
CA ILE B 380 3.04 17.77 -18.32
C ILE B 380 4.14 16.81 -18.70
N PRO B 381 4.73 17.01 -19.89
CA PRO B 381 5.82 16.14 -20.35
C PRO B 381 7.01 16.34 -19.43
N THR B 382 7.72 15.27 -19.12
CA THR B 382 8.89 15.38 -18.26
C THR B 382 10.17 15.43 -19.10
N ASN B 383 11.05 16.38 -18.79
CA ASN B 383 12.33 16.53 -19.51
C ASN B 383 13.45 16.13 -18.56
N GLU B 384 13.86 14.87 -18.61
CA GLU B 384 14.89 14.36 -17.72
C GLU B 384 16.22 15.10 -17.68
N GLU B 385 16.75 15.41 -18.86
CA GLU B 385 18.02 16.13 -18.98
C GLU B 385 17.95 17.56 -18.46
N LEU B 386 16.85 18.26 -18.73
CA LEU B 386 16.73 19.63 -18.25
C LEU B 386 16.47 19.59 -16.76
N ALA B 387 15.80 18.54 -16.30
CA ALA B 387 15.51 18.39 -14.87
C ALA B 387 16.85 18.24 -14.13
N ILE B 388 17.75 17.44 -14.68
CA ILE B 388 19.07 17.23 -14.06
C ILE B 388 19.93 18.47 -14.27
N ALA B 389 19.60 19.26 -15.29
CA ALA B 389 20.32 20.48 -15.56
C ALA B 389 19.95 21.51 -14.51
N ARG B 390 18.64 21.67 -14.27
CA ARG B 390 18.18 22.61 -13.25
C ARG B 390 18.85 22.25 -11.94
N GLU B 391 18.69 20.99 -11.54
CA GLU B 391 19.27 20.47 -10.30
C GLU B 391 20.77 20.77 -10.20
N THR B 392 21.52 20.44 -11.24
CA THR B 392 22.96 20.67 -11.25
C THR B 392 23.29 22.14 -11.05
N LYS B 393 22.47 23.02 -11.61
CA LYS B 393 22.68 24.46 -11.51
C LYS B 393 22.62 24.95 -10.07
N GLU B 394 21.49 24.67 -9.41
CA GLU B 394 21.27 25.07 -8.02
C GLU B 394 22.39 24.66 -7.07
N ILE B 395 22.89 23.44 -7.23
CA ILE B 395 23.98 22.96 -6.37
C ILE B 395 25.25 23.72 -6.72
N VAL B 396 25.35 24.18 -7.97
CA VAL B 396 26.53 24.91 -8.37
C VAL B 396 26.46 26.35 -7.87
N GLU B 397 25.25 26.87 -7.69
CA GLU B 397 25.08 28.24 -7.21
C GLU B 397 25.45 28.32 -5.74
N THR B 398 24.61 27.72 -4.90
CA THR B 398 24.84 27.71 -3.47
C THR B 398 26.18 27.00 -3.21
#